data_9JOV
#
_entry.id   9JOV
#
_cell.length_a   1.00
_cell.length_b   1.00
_cell.length_c   1.00
_cell.angle_alpha   90.00
_cell.angle_beta   90.00
_cell.angle_gamma   90.00
#
_symmetry.space_group_name_H-M   'P 1'
#
loop_
_entity.id
_entity.type
_entity.pdbx_description
1 polymer Proteorhodopsin
2 non-polymer RETINAL
3 non-polymer HEXADECANE
4 non-polymer DODECANE
5 non-polymer (3~{S},4~{Z},6~{E},8~{Z},10~{E},12~{E},14~{E},16~{E},18~{E},20~{E},22~{E},24~{E})-2,6,10,14,19,23-hexamethyl-25-[(4~{R})-2,6,6-trimethyl-4-oxidanyl-cyclohexen-1-yl]pentacosa-4,6,8,10,12,14,16,18,20,22,24-undecaene-2,3-diol
6 water water
#
_entity_poly.entity_id   1
_entity_poly.type   'polypeptide(L)'
_entity_poly.pdbx_seq_one_letter_code
;MNNLLLNIEVVRLAADDYVGFTFFVGCMAMMAASAFFFLSMSSFERKWRTSILVSGLITFIAAVHYWYMRDYWSGFAESP
VFFRYVDWVLTVPLMCVEFYLILKVAGAKKSLMWKLIFLSVVMLVTGYFGEAVDRGNAWLWGLFSGVAYFWIVIEIWFGK
AKKLAVAAGGDVLAAHKTLCWFVLVGWAIYPIGYMAGTPGWYDSIFGGWDLNVIYNIGDAINKIGFGLVIYNLAVQATNK
KDGLVNLEENLYFQ
;
_entity_poly.pdbx_strand_id   A,B,C,D,E
#
# COMPACT_ATOMS: atom_id res chain seq x y z
N VAL A 11 -9.11 27.37 -0.61
CA VAL A 11 -7.74 26.73 -0.69
C VAL A 11 -7.31 26.66 -2.15
N ARG A 12 -7.54 27.77 -2.87
CA ARG A 12 -7.08 27.93 -4.24
C ARG A 12 -5.56 28.07 -4.25
N LEU A 13 -4.93 27.48 -5.25
CA LEU A 13 -3.48 27.62 -5.45
C LEU A 13 -3.15 28.95 -6.13
N ALA A 14 -2.02 29.52 -5.71
CA ALA A 14 -1.54 30.78 -6.27
C ALA A 14 -0.17 30.57 -6.89
N ALA A 15 0.02 31.17 -8.06
CA ALA A 15 1.24 30.99 -8.83
C ALA A 15 2.47 31.55 -8.12
N ASP A 16 2.28 32.58 -7.28
CA ASP A 16 3.38 33.20 -6.56
C ASP A 16 3.69 32.51 -5.23
N ASP A 17 2.96 31.47 -4.85
CA ASP A 17 3.25 30.76 -3.61
C ASP A 17 4.34 29.72 -3.88
N TYR A 18 5.59 30.17 -3.82
CA TYR A 18 6.75 29.32 -4.03
C TYR A 18 6.95 28.35 -2.87
N VAL A 19 6.51 28.72 -1.67
CA VAL A 19 6.62 27.79 -0.56
C VAL A 19 5.67 26.63 -0.87
N GLY A 20 4.48 26.96 -1.31
CA GLY A 20 3.50 25.95 -1.64
C GLY A 20 4.03 25.00 -2.69
N PHE A 21 4.66 25.56 -3.72
CA PHE A 21 5.12 24.74 -4.82
C PHE A 21 6.17 23.74 -4.33
N THR A 22 7.09 24.20 -3.48
CA THR A 22 8.20 23.39 -3.03
C THR A 22 7.72 22.35 -2.01
N PHE A 23 6.61 22.59 -1.32
CA PHE A 23 6.07 21.50 -0.51
C PHE A 23 5.55 20.37 -1.41
N PHE A 24 4.86 20.69 -2.51
CA PHE A 24 4.34 19.67 -3.41
C PHE A 24 5.47 18.89 -4.11
N VAL A 25 6.52 19.58 -4.52
CA VAL A 25 7.61 18.93 -5.21
C VAL A 25 8.37 18.01 -4.26
N GLY A 26 8.68 18.54 -3.07
CA GLY A 26 9.42 17.78 -2.07
C GLY A 26 8.66 16.51 -1.66
N CYS A 27 7.38 16.65 -1.42
CA CYS A 27 6.60 15.45 -1.11
C CYS A 27 6.72 14.41 -2.23
N MET A 28 6.54 14.81 -3.52
CA MET A 28 6.58 13.84 -4.62
C MET A 28 7.99 13.25 -4.81
N ALA A 29 9.05 14.06 -4.67
CA ALA A 29 10.38 13.54 -4.85
C ALA A 29 10.73 12.53 -3.73
N MET A 30 10.35 12.79 -2.49
CA MET A 30 10.66 11.86 -1.42
C MET A 30 9.87 10.56 -1.64
N MET A 31 8.60 10.68 -2.00
CA MET A 31 7.81 9.49 -2.29
C MET A 31 8.44 8.63 -3.39
N ALA A 32 8.94 9.27 -4.46
CA ALA A 32 9.54 8.55 -5.56
C ALA A 32 10.86 7.89 -5.15
N ALA A 33 11.70 8.66 -4.44
CA ALA A 33 12.94 8.11 -3.91
C ALA A 33 12.66 6.92 -2.97
N SER A 34 11.65 7.01 -2.12
CA SER A 34 11.39 5.87 -1.25
C SER A 34 11.10 4.64 -2.11
N ALA A 35 10.28 4.79 -3.18
CA ALA A 35 9.94 3.64 -3.98
C ALA A 35 11.17 3.10 -4.71
N PHE A 36 12.05 4.01 -5.14
CA PHE A 36 13.23 3.58 -5.86
C PHE A 36 14.12 2.73 -4.98
N PHE A 37 14.37 3.14 -3.72
CA PHE A 37 15.26 2.38 -2.83
C PHE A 37 14.58 1.09 -2.38
N PHE A 38 13.34 1.12 -1.94
CA PHE A 38 12.68 -0.14 -1.55
C PHE A 38 12.62 -1.14 -2.70
N LEU A 39 12.32 -0.69 -3.94
CA LEU A 39 12.19 -1.64 -5.04
C LEU A 39 13.56 -2.09 -5.58
N SER A 40 14.65 -1.37 -5.28
CA SER A 40 15.95 -1.74 -5.80
C SER A 40 16.63 -2.77 -4.90
N MET A 41 16.19 -2.88 -3.65
CA MET A 41 16.91 -3.64 -2.64
C MET A 41 17.23 -5.05 -3.12
N SER A 42 16.26 -5.70 -3.77
CA SER A 42 16.37 -7.11 -4.12
C SER A 42 17.33 -7.39 -5.28
N SER A 43 17.85 -6.36 -5.94
CA SER A 43 18.75 -6.56 -7.07
C SER A 43 20.21 -6.61 -6.59
N PHE A 44 20.43 -6.70 -5.28
CA PHE A 44 21.74 -6.58 -4.69
C PHE A 44 21.98 -7.77 -3.77
N GLU A 45 23.26 -8.16 -3.64
CA GLU A 45 23.63 -9.18 -2.68
C GLU A 45 23.23 -8.69 -1.30
N ARG A 46 22.92 -9.64 -0.39
CA ARG A 46 22.44 -9.36 0.95
C ARG A 46 23.30 -8.32 1.67
N LYS A 47 24.61 -8.34 1.47
CA LYS A 47 25.49 -7.45 2.22
C LYS A 47 25.23 -5.96 1.98
N TRP A 48 24.56 -5.58 0.90
CA TRP A 48 24.30 -4.17 0.64
C TRP A 48 22.89 -3.77 1.06
N ARG A 49 22.00 -4.75 1.13
CA ARG A 49 20.59 -4.46 1.21
C ARG A 49 20.21 -3.57 2.39
N THR A 50 20.86 -3.72 3.55
CA THR A 50 20.44 -2.93 4.71
C THR A 50 20.75 -1.45 4.50
N SER A 51 21.93 -1.10 3.98
CA SER A 51 22.24 0.29 3.73
C SER A 51 21.20 0.89 2.76
N ILE A 52 20.71 0.11 1.79
CA ILE A 52 19.73 0.66 0.88
C ILE A 52 18.36 0.79 1.56
N LEU A 53 17.94 -0.25 2.28
CA LEU A 53 16.68 -0.19 3.01
C LEU A 53 16.60 1.05 3.90
N VAL A 54 17.67 1.33 4.67
CA VAL A 54 17.70 2.50 5.52
C VAL A 54 17.60 3.82 4.73
N SER A 55 18.29 3.91 3.58
CA SER A 55 18.07 5.06 2.72
C SER A 55 16.61 5.24 2.32
N GLY A 56 15.91 4.13 2.05
CA GLY A 56 14.49 4.25 1.85
C GLY A 56 13.67 4.67 3.06
N LEU A 57 13.96 4.12 4.26
CA LEU A 57 13.27 4.61 5.46
C LEU A 57 13.40 6.11 5.63
N ILE A 58 14.63 6.65 5.45
CA ILE A 58 14.83 8.08 5.55
C ILE A 58 13.88 8.84 4.61
N THR A 59 13.87 8.52 3.31
CA THR A 59 12.93 9.24 2.44
C THR A 59 11.47 8.89 2.73
N PHE A 60 11.15 7.70 3.27
CA PHE A 60 9.76 7.37 3.58
C PHE A 60 9.19 8.21 4.70
N ILE A 61 9.96 8.39 5.77
CA ILE A 61 9.51 9.24 6.87
C ILE A 61 9.28 10.64 6.37
N ALA A 62 10.26 11.22 5.64
CA ALA A 62 10.12 12.53 5.05
C ALA A 62 8.95 12.63 4.07
N ALA A 63 8.74 11.66 3.19
CA ALA A 63 7.55 11.73 2.31
C ALA A 63 6.27 11.87 3.13
N VAL A 64 6.10 11.02 4.17
CA VAL A 64 4.87 11.07 4.93
C VAL A 64 4.76 12.38 5.72
N HIS A 65 5.83 12.85 6.35
CA HIS A 65 5.73 14.12 7.04
C HIS A 65 5.55 15.29 6.05
N TYR A 66 6.20 15.27 4.88
CA TYR A 66 5.97 16.33 3.89
C TYR A 66 4.52 16.36 3.42
N TRP A 67 3.86 15.20 3.34
CA TRP A 67 2.45 15.20 3.02
C TRP A 67 1.63 16.01 4.03
N TYR A 68 1.85 15.80 5.32
CA TYR A 68 1.12 16.53 6.36
C TYR A 68 1.50 18.02 6.27
N MET A 69 2.78 18.34 6.21
CA MET A 69 3.14 19.75 6.16
C MET A 69 2.57 20.47 4.95
N ARG A 70 2.56 19.83 3.78
CA ARG A 70 1.97 20.40 2.56
C ARG A 70 0.53 20.78 2.75
N ASP A 71 -0.24 19.87 3.38
CA ASP A 71 -1.64 20.15 3.61
C ASP A 71 -1.81 21.28 4.61
N TYR A 72 -1.00 21.26 5.66
CA TYR A 72 -1.12 22.28 6.67
C TYR A 72 -0.82 23.66 6.08
N TRP A 73 0.19 23.75 5.22
CA TRP A 73 0.46 25.01 4.55
C TRP A 73 -0.67 25.46 3.65
N SER A 74 -1.29 24.52 2.92
CA SER A 74 -2.49 24.83 2.14
C SER A 74 -3.59 25.45 3.00
N GLY A 75 -3.80 24.91 4.21
CA GLY A 75 -4.81 25.43 5.12
C GLY A 75 -4.47 26.80 5.70
N PHE A 76 -3.33 26.91 6.39
CA PHE A 76 -3.04 28.03 7.26
C PHE A 76 -1.98 28.98 6.72
N ALA A 77 -1.24 28.58 5.69
CA ALA A 77 -0.13 29.39 5.20
C ALA A 77 0.90 29.66 6.30
N GLU A 78 1.12 28.67 7.18
CA GLU A 78 2.19 28.70 8.17
C GLU A 78 2.92 27.37 8.18
N SER A 79 4.22 27.43 8.44
CA SER A 79 4.99 26.23 8.66
C SER A 79 5.89 26.45 9.87
N PRO A 80 5.40 26.14 11.09
CA PRO A 80 6.22 26.27 12.29
C PRO A 80 7.44 25.35 12.28
N VAL A 81 8.60 25.93 12.58
CA VAL A 81 9.86 25.22 12.42
C VAL A 81 9.86 24.02 13.34
N PHE A 82 9.28 24.15 14.55
CA PHE A 82 9.35 23.05 15.51
C PHE A 82 8.71 21.81 14.92
N PHE A 83 7.73 21.98 14.02
CA PHE A 83 7.04 20.84 13.49
C PHE A 83 7.95 20.06 12.53
N ARG A 84 8.96 20.70 11.97
CA ARG A 84 9.89 19.97 11.12
C ARG A 84 10.68 18.94 11.93
N TYR A 85 10.83 19.16 13.24
CA TYR A 85 11.63 18.26 14.06
C TYR A 85 10.98 16.88 14.20
N VAL A 86 9.68 16.75 13.91
CA VAL A 86 9.03 15.44 13.93
C VAL A 86 9.80 14.49 13.03
N ASP A 87 10.21 14.95 11.85
CA ASP A 87 10.99 14.10 10.94
C ASP A 87 12.47 14.12 11.32
N TRP A 88 13.09 15.30 11.53
CA TRP A 88 14.52 15.36 11.83
C TRP A 88 14.96 14.49 12.99
N VAL A 89 14.18 14.40 14.08
CA VAL A 89 14.60 13.57 15.21
C VAL A 89 14.67 12.11 14.80
N LEU A 90 13.95 11.65 13.75
CA LEU A 90 14.09 10.26 13.32
C LEU A 90 15.12 10.14 12.20
N THR A 91 15.09 11.02 11.21
CA THR A 91 15.90 10.83 10.01
C THR A 91 17.36 11.14 10.27
N VAL A 92 17.70 12.14 11.10
CA VAL A 92 19.11 12.48 11.26
C VAL A 92 19.89 11.33 11.92
N PRO A 93 19.39 10.66 12.97
CA PRO A 93 20.01 9.45 13.46
C PRO A 93 20.14 8.34 12.44
N LEU A 94 19.08 8.09 11.63
CA LEU A 94 19.22 7.08 10.57
C LEU A 94 20.33 7.47 9.60
N MET A 95 20.43 8.74 9.21
CA MET A 95 21.54 9.14 8.35
C MET A 95 22.88 8.87 9.01
N CYS A 96 23.05 9.19 10.29
CA CYS A 96 24.31 8.90 11.00
C CYS A 96 24.62 7.41 11.07
N VAL A 97 23.60 6.55 11.21
CA VAL A 97 23.82 5.11 11.18
C VAL A 97 24.39 4.65 9.83
N GLU A 98 24.04 5.32 8.72
CA GLU A 98 24.61 4.95 7.44
C GLU A 98 26.15 4.99 7.45
N PHE A 99 26.81 5.85 8.25
CA PHE A 99 28.27 5.76 8.33
C PHE A 99 28.70 4.41 8.88
N TYR A 100 27.96 3.87 9.85
CA TYR A 100 28.29 2.57 10.38
C TYR A 100 28.07 1.52 9.30
N LEU A 101 26.91 1.55 8.64
CA LEU A 101 26.58 0.52 7.64
C LEU A 101 27.61 0.48 6.51
N ILE A 102 28.07 1.62 5.98
CA ILE A 102 29.05 1.58 4.91
C ILE A 102 30.49 1.27 5.39
N LEU A 103 30.79 1.32 6.70
CA LEU A 103 32.15 1.04 7.15
C LEU A 103 32.24 -0.28 7.89
N LYS A 104 31.14 -1.01 7.98
CA LYS A 104 31.11 -2.26 8.72
C LYS A 104 32.08 -3.26 8.08
N VAL A 105 32.25 -3.22 6.76
CA VAL A 105 33.14 -4.13 6.05
C VAL A 105 34.58 -3.78 6.38
N ALA A 106 34.85 -2.49 6.54
CA ALA A 106 36.18 -2.01 6.82
C ALA A 106 36.56 -2.21 8.29
N GLY A 107 35.64 -2.77 9.09
CA GLY A 107 35.94 -3.13 10.47
C GLY A 107 35.41 -2.15 11.52
N ALA A 108 34.37 -1.38 11.19
CA ALA A 108 33.71 -0.56 12.19
C ALA A 108 33.02 -1.46 13.21
N LYS A 109 32.99 -1.00 14.47
CA LYS A 109 32.43 -1.74 15.59
C LYS A 109 31.20 -1.02 16.11
N LYS A 110 30.30 -1.75 16.78
CA LYS A 110 29.05 -1.16 17.25
C LYS A 110 29.30 0.08 18.11
N SER A 111 30.45 0.15 18.76
CA SER A 111 30.83 1.34 19.52
C SER A 111 30.63 2.59 18.66
N LEU A 112 30.99 2.50 17.38
CA LEU A 112 30.89 3.64 16.48
C LEU A 112 29.42 3.96 16.28
N MET A 113 28.61 2.93 16.02
CA MET A 113 27.19 3.10 15.82
C MET A 113 26.54 3.83 16.99
N TRP A 114 26.80 3.34 18.21
CA TRP A 114 26.24 3.95 19.41
C TRP A 114 26.69 5.39 19.57
N LYS A 115 27.99 5.66 19.38
CA LYS A 115 28.48 7.01 19.45
C LYS A 115 27.69 7.92 18.50
N LEU A 116 27.54 7.51 17.24
CA LEU A 116 26.89 8.36 16.26
C LEU A 116 25.42 8.53 16.63
N ILE A 117 24.74 7.43 17.04
CA ILE A 117 23.35 7.57 17.38
C ILE A 117 23.20 8.55 18.55
N PHE A 118 24.04 8.38 19.60
CA PHE A 118 23.98 9.26 20.75
C PHE A 118 24.18 10.72 20.37
N LEU A 119 25.24 11.03 19.60
CA LEU A 119 25.49 12.42 19.25
C LEU A 119 24.34 12.98 18.43
N SER A 120 23.84 12.22 17.44
CA SER A 120 22.79 12.75 16.58
C SER A 120 21.53 13.04 17.39
N VAL A 121 21.15 12.12 18.28
CA VAL A 121 19.95 12.33 19.09
C VAL A 121 20.13 13.51 20.04
N VAL A 122 21.27 13.62 20.74
CA VAL A 122 21.50 14.80 21.55
C VAL A 122 21.36 16.04 20.69
N MET A 123 22.03 16.08 19.54
CA MET A 123 21.93 17.27 18.68
C MET A 123 20.47 17.65 18.42
N LEU A 124 19.63 16.67 18.01
CA LEU A 124 18.27 17.04 17.62
C LEU A 124 17.40 17.40 18.80
N VAL A 125 17.51 16.65 19.92
CA VAL A 125 16.69 16.95 21.09
C VAL A 125 17.08 18.28 21.75
N THR A 126 18.36 18.55 21.96
CA THR A 126 18.73 19.89 22.44
C THR A 126 18.21 20.98 21.49
N GLY A 127 18.29 20.76 20.18
CA GLY A 127 17.75 21.73 19.24
C GLY A 127 16.25 21.97 19.46
N TYR A 128 15.49 20.88 19.70
CA TYR A 128 14.05 21.03 19.93
C TYR A 128 13.75 21.76 21.24
N PHE A 129 14.50 21.48 22.32
CA PHE A 129 14.39 22.25 23.56
C PHE A 129 14.59 23.75 23.31
N GLY A 130 15.65 24.10 22.58
CA GLY A 130 15.86 25.49 22.25
C GLY A 130 14.69 26.10 21.46
N GLU A 131 14.06 25.32 20.58
CA GLU A 131 13.09 25.86 19.63
C GLU A 131 11.67 25.91 20.18
N ALA A 132 11.32 25.02 21.13
CA ALA A 132 9.93 24.75 21.45
C ALA A 132 9.65 24.80 22.95
N VAL A 133 10.56 24.32 23.80
CA VAL A 133 10.27 24.19 25.23
C VAL A 133 10.85 25.37 26.00
N ASP A 134 12.03 25.86 25.62
CA ASP A 134 12.73 26.85 26.42
C ASP A 134 13.45 27.88 25.54
N ARG A 135 12.66 28.76 24.90
CA ARG A 135 13.22 29.66 23.92
C ARG A 135 13.99 30.80 24.58
N GLY A 136 13.75 31.01 25.88
CA GLY A 136 14.54 31.96 26.65
C GLY A 136 16.03 31.64 26.55
N ASN A 137 16.36 30.35 26.61
CA ASN A 137 17.75 29.91 26.65
C ASN A 137 18.13 29.23 25.34
N ALA A 138 17.61 29.75 24.22
CA ALA A 138 17.80 29.14 22.91
C ALA A 138 19.27 29.15 22.49
N TRP A 139 20.02 30.18 22.91
CA TRP A 139 21.44 30.26 22.60
C TRP A 139 22.20 29.14 23.32
N LEU A 140 21.80 28.84 24.55
CA LEU A 140 22.49 27.82 25.33
C LEU A 140 22.20 26.45 24.73
N TRP A 141 20.92 26.16 24.49
CA TRP A 141 20.54 24.92 23.84
C TRP A 141 21.22 24.83 22.47
N GLY A 142 21.24 25.96 21.74
CA GLY A 142 21.96 25.99 20.48
C GLY A 142 23.39 25.49 20.63
N LEU A 143 24.06 26.02 21.65
CA LEU A 143 25.46 25.72 21.89
C LEU A 143 25.65 24.23 22.16
N PHE A 144 24.83 23.64 23.04
CA PHE A 144 24.89 22.20 23.24
C PHE A 144 24.68 21.44 21.92
N SER A 145 23.67 21.83 21.12
CA SER A 145 23.47 21.17 19.85
C SER A 145 24.73 21.33 18.99
N GLY A 146 25.23 22.58 18.94
CA GLY A 146 26.40 22.91 18.13
C GLY A 146 27.59 22.03 18.46
N VAL A 147 27.78 21.74 19.75
CA VAL A 147 28.92 20.93 20.16
C VAL A 147 28.72 19.51 19.67
N ALA A 148 27.51 18.96 19.82
CA ALA A 148 27.25 17.63 19.27
C ALA A 148 27.52 17.62 17.75
N TYR A 149 27.03 18.62 17.03
CA TYR A 149 27.34 18.66 15.62
C TYR A 149 28.85 18.59 15.39
N PHE A 150 29.61 19.45 16.11
CA PHE A 150 31.05 19.54 15.85
C PHE A 150 31.72 18.19 16.09
N TRP A 151 31.30 17.50 17.16
CA TRP A 151 31.84 16.19 17.44
C TRP A 151 31.57 15.23 16.27
N ILE A 152 30.35 15.26 15.70
CA ILE A 152 30.07 14.38 14.59
C ILE A 152 31.03 14.73 13.45
N VAL A 153 31.04 16.00 13.07
CA VAL A 153 31.95 16.39 12.00
C VAL A 153 33.38 15.93 12.28
N ILE A 154 33.91 16.14 13.50
CA ILE A 154 35.29 15.76 13.74
C ILE A 154 35.43 14.25 13.59
N GLU A 155 34.47 13.48 14.12
CA GLU A 155 34.60 12.03 14.03
C GLU A 155 34.76 11.56 12.59
N ILE A 156 33.91 12.05 11.66
CA ILE A 156 33.91 11.51 10.31
C ILE A 156 35.03 12.11 9.47
N TRP A 157 35.39 13.37 9.66
CA TRP A 157 36.49 13.96 8.88
C TRP A 157 37.88 13.55 9.38
N PHE A 158 38.08 13.31 10.68
CA PHE A 158 39.42 13.08 11.22
C PHE A 158 39.49 11.86 12.14
N GLY A 159 38.38 11.45 12.72
CA GLY A 159 38.40 10.46 13.78
C GLY A 159 38.52 9.04 13.25
N LYS A 160 38.00 8.09 14.04
CA LYS A 160 38.11 6.67 13.74
C LYS A 160 37.43 6.36 12.41
N ALA A 161 36.25 6.94 12.19
CA ALA A 161 35.50 6.60 11.00
C ALA A 161 36.35 6.95 9.77
N LYS A 162 37.05 8.07 9.82
CA LYS A 162 37.88 8.50 8.71
C LYS A 162 39.01 7.51 8.51
N LYS A 163 39.63 7.05 9.60
CA LYS A 163 40.74 6.12 9.49
C LYS A 163 40.26 4.81 8.86
N LEU A 164 39.09 4.30 9.28
CA LEU A 164 38.55 3.09 8.67
C LEU A 164 38.34 3.28 7.17
N ALA A 165 37.71 4.39 6.78
CA ALA A 165 37.47 4.64 5.37
C ALA A 165 38.79 4.62 4.62
N VAL A 166 39.81 5.29 5.18
CA VAL A 166 41.05 5.48 4.46
C VAL A 166 41.74 4.13 4.25
N ALA A 167 41.65 3.27 5.27
CA ALA A 167 42.25 1.95 5.20
C ALA A 167 41.59 1.12 4.11
N ALA A 168 40.26 1.12 4.08
CA ALA A 168 39.49 0.38 3.07
C ALA A 168 39.91 0.81 1.67
N GLY A 169 40.00 2.13 1.48
CA GLY A 169 40.25 2.70 0.16
C GLY A 169 39.11 2.38 -0.82
N GLY A 170 39.30 2.82 -2.05
CA GLY A 170 38.42 2.42 -3.14
C GLY A 170 37.08 3.15 -3.09
N ASP A 171 36.05 2.41 -3.48
CA ASP A 171 34.70 2.93 -3.60
C ASP A 171 34.21 3.44 -2.24
N VAL A 172 34.49 2.68 -1.17
CA VAL A 172 34.11 3.07 0.18
C VAL A 172 34.70 4.43 0.54
N LEU A 173 36.01 4.62 0.36
CA LEU A 173 36.60 5.89 0.75
C LEU A 173 35.90 6.99 -0.04
N ALA A 174 35.70 6.75 -1.34
CA ALA A 174 35.03 7.73 -2.18
C ALA A 174 33.66 8.10 -1.62
N ALA A 175 32.82 7.08 -1.35
CA ALA A 175 31.52 7.30 -0.75
C ALA A 175 31.63 8.09 0.56
N HIS A 176 32.55 7.65 1.45
CA HIS A 176 32.76 8.31 2.73
C HIS A 176 33.00 9.80 2.52
N LYS A 177 33.93 10.15 1.63
CA LYS A 177 34.26 11.55 1.46
C LYS A 177 33.05 12.34 0.97
N THR A 178 32.28 11.79 0.03
CA THR A 178 31.13 12.53 -0.44
C THR A 178 30.14 12.78 0.69
N LEU A 179 29.75 11.71 1.44
CA LEU A 179 28.91 11.87 2.61
C LEU A 179 29.50 12.93 3.57
N CYS A 180 30.82 12.98 3.77
CA CYS A 180 31.36 14.01 4.67
C CYS A 180 31.10 15.41 4.13
N TRP A 181 31.13 15.62 2.81
CA TRP A 181 30.74 16.93 2.29
C TRP A 181 29.27 17.24 2.55
N PHE A 182 28.37 16.29 2.29
CA PHE A 182 26.96 16.52 2.60
C PHE A 182 26.76 16.92 4.07
N VAL A 183 27.42 16.22 4.99
CA VAL A 183 27.30 16.61 6.40
C VAL A 183 27.88 18.01 6.62
N LEU A 184 29.08 18.31 6.10
CA LEU A 184 29.68 19.62 6.36
C LEU A 184 28.89 20.76 5.72
N VAL A 185 28.57 20.63 4.43
CA VAL A 185 28.00 21.76 3.72
C VAL A 185 26.49 21.63 3.64
N GLY A 186 25.99 20.45 3.25
CA GLY A 186 24.54 20.32 3.12
C GLY A 186 23.79 20.51 4.43
N TRP A 187 24.35 20.03 5.56
CA TRP A 187 23.65 20.21 6.84
C TRP A 187 23.77 21.62 7.43
N ALA A 188 24.66 22.46 6.93
CA ALA A 188 24.86 23.79 7.53
C ALA A 188 23.61 24.68 7.48
N ILE A 189 22.69 24.44 6.54
CA ILE A 189 21.47 25.25 6.47
C ILE A 189 20.68 25.17 7.78
N TYR A 190 20.72 24.02 8.49
CA TYR A 190 19.84 23.89 9.64
C TYR A 190 20.31 24.76 10.82
N PRO A 191 21.54 24.66 11.31
CA PRO A 191 22.03 25.62 12.31
C PRO A 191 21.84 27.07 11.90
N ILE A 192 22.00 27.39 10.60
CA ILE A 192 21.80 28.77 10.18
C ILE A 192 20.34 29.19 10.37
N GLY A 193 19.39 28.38 9.91
CA GLY A 193 18.00 28.71 10.10
C GLY A 193 17.62 28.84 11.59
N TYR A 194 18.24 28.03 12.44
CA TYR A 194 17.99 28.13 13.88
C TYR A 194 18.35 29.51 14.39
N MET A 195 19.55 30.00 13.99
CA MET A 195 20.01 31.32 14.41
C MET A 195 19.13 32.41 13.80
N ALA A 196 18.57 32.15 12.62
CA ALA A 196 17.72 33.14 11.97
C ALA A 196 16.37 33.26 12.67
N GLY A 197 15.92 32.17 13.31
CA GLY A 197 14.56 32.09 13.80
C GLY A 197 14.44 32.30 15.31
N THR A 198 15.54 32.17 16.05
CA THR A 198 15.47 32.23 17.51
C THR A 198 16.04 33.56 17.99
N PRO A 199 15.61 34.05 19.17
CA PRO A 199 16.26 35.19 19.82
C PRO A 199 17.54 34.78 20.54
N GLY A 200 18.59 35.60 20.35
CA GLY A 200 19.87 35.36 21.00
C GLY A 200 20.80 36.55 20.79
N TRP A 201 22.09 36.25 20.55
CA TRP A 201 23.08 37.27 20.25
C TRP A 201 23.26 37.40 18.73
N TYR A 202 22.48 36.62 17.96
CA TYR A 202 22.64 36.50 16.52
C TYR A 202 21.40 37.04 15.81
N ASP A 203 20.62 37.88 16.49
CA ASP A 203 19.55 38.64 15.87
C ASP A 203 20.09 39.76 14.98
N SER A 204 21.35 40.19 15.22
CA SER A 204 21.97 41.19 14.35
C SER A 204 22.36 40.56 13.02
N ILE A 205 22.99 39.37 13.05
CA ILE A 205 23.59 38.78 11.87
C ILE A 205 22.49 38.20 10.99
N PHE A 206 21.67 37.33 11.60
CA PHE A 206 20.55 36.69 10.93
C PHE A 206 19.29 37.26 11.56
N GLY A 207 18.14 36.69 11.23
CA GLY A 207 16.88 37.11 11.82
C GLY A 207 16.07 37.89 10.79
N GLY A 208 14.83 37.43 10.54
CA GLY A 208 13.96 38.01 9.54
C GLY A 208 14.11 37.36 8.16
N TRP A 209 14.62 36.12 8.12
CA TRP A 209 14.87 35.42 6.87
C TRP A 209 13.84 34.30 6.69
N ASP A 210 13.25 34.20 5.49
CA ASP A 210 12.32 33.13 5.18
C ASP A 210 13.08 31.92 4.63
N LEU A 211 13.11 30.86 5.43
CA LEU A 211 13.86 29.67 5.11
C LEU A 211 12.98 28.58 4.51
N ASN A 212 11.67 28.75 4.44
CA ASN A 212 10.79 27.65 4.04
C ASN A 212 11.18 27.04 2.70
N VAL A 213 11.41 27.87 1.68
CA VAL A 213 11.86 27.38 0.38
C VAL A 213 13.21 26.64 0.53
N ILE A 214 14.14 27.20 1.29
CA ILE A 214 15.44 26.58 1.52
C ILE A 214 15.28 25.25 2.26
N TYR A 215 14.50 25.22 3.35
CA TYR A 215 14.21 23.96 4.01
C TYR A 215 13.64 22.95 3.01
N ASN A 216 12.64 23.33 2.21
CA ASN A 216 11.95 22.32 1.38
C ASN A 216 12.90 21.76 0.31
N ILE A 217 13.74 22.62 -0.29
CA ILE A 217 14.64 22.16 -1.32
C ILE A 217 15.83 21.42 -0.69
N GLY A 218 16.44 22.02 0.34
CA GLY A 218 17.50 21.39 1.11
C GLY A 218 17.14 19.98 1.64
N ASP A 219 15.97 19.80 2.25
CA ASP A 219 15.61 18.46 2.71
C ASP A 219 15.68 17.45 1.59
N ALA A 220 15.06 17.74 0.44
CA ALA A 220 15.05 16.78 -0.65
C ALA A 220 16.46 16.50 -1.13
N ILE A 221 17.26 17.53 -1.32
CA ILE A 221 18.61 17.31 -1.79
C ILE A 221 19.41 16.53 -0.75
N ASN A 222 19.35 16.95 0.52
CA ASN A 222 20.06 16.27 1.59
C ASN A 222 19.66 14.80 1.66
N LYS A 223 18.37 14.48 1.74
CA LYS A 223 17.95 13.09 1.91
C LYS A 223 18.10 12.24 0.67
N ILE A 224 17.71 12.72 -0.51
CA ILE A 224 17.86 11.90 -1.72
C ILE A 224 19.33 11.81 -2.12
N GLY A 225 20.10 12.89 -1.92
CA GLY A 225 21.53 12.86 -2.20
C GLY A 225 22.26 11.82 -1.37
N PHE A 226 22.02 11.79 -0.06
CA PHE A 226 22.65 10.78 0.79
C PHE A 226 22.38 9.39 0.26
N GLY A 227 21.11 9.12 -0.05
CA GLY A 227 20.76 7.78 -0.49
C GLY A 227 21.35 7.42 -1.84
N LEU A 228 21.37 8.38 -2.79
CA LEU A 228 22.01 8.13 -4.08
C LEU A 228 23.50 7.86 -3.97
N VAL A 229 24.18 8.43 -2.96
CA VAL A 229 25.59 8.11 -2.77
C VAL A 229 25.73 6.69 -2.25
N ILE A 230 24.87 6.28 -1.31
CA ILE A 230 24.94 4.91 -0.83
C ILE A 230 24.56 3.94 -1.95
N TYR A 231 23.50 4.24 -2.69
CA TYR A 231 23.14 3.37 -3.81
C TYR A 231 24.27 3.25 -4.82
N ASN A 232 24.92 4.39 -5.16
CA ASN A 232 26.07 4.37 -6.05
C ASN A 232 27.19 3.47 -5.55
N LEU A 233 27.41 3.39 -4.23
CA LEU A 233 28.47 2.54 -3.69
C LEU A 233 28.13 1.07 -3.92
N ALA A 234 26.90 0.67 -3.62
CA ALA A 234 26.49 -0.71 -3.91
C ALA A 234 26.65 -1.07 -5.39
N VAL A 235 26.32 -0.16 -6.29
CA VAL A 235 26.43 -0.40 -7.73
C VAL A 235 27.91 -0.56 -8.14
N GLN A 236 28.76 0.40 -7.76
CA GLN A 236 30.17 0.29 -8.07
C GLN A 236 30.75 -1.03 -7.55
N ALA A 237 30.39 -1.43 -6.34
CA ALA A 237 31.02 -2.58 -5.72
C ALA A 237 30.55 -3.86 -6.42
N THR A 238 29.27 -3.90 -6.74
CA THR A 238 28.64 -5.05 -7.37
C THR A 238 29.25 -5.32 -8.74
N ASN A 239 29.61 -4.25 -9.48
CA ASN A 239 30.08 -4.40 -10.84
C ASN A 239 31.56 -4.79 -10.88
N LYS A 240 32.13 -5.06 -9.69
CA LYS A 240 33.51 -5.47 -9.47
C LYS A 240 34.46 -4.52 -10.23
N VAL B 11 -19.60 19.23 -6.99
CA VAL B 11 -19.09 17.83 -6.86
C VAL B 11 -19.90 16.86 -7.71
N ARG B 12 -21.08 17.26 -8.23
CA ARG B 12 -21.82 16.45 -9.17
C ARG B 12 -21.09 16.42 -10.50
N LEU B 13 -21.08 15.25 -11.14
CA LEU B 13 -20.43 15.07 -12.43
C LEU B 13 -21.37 15.53 -13.55
N ALA B 14 -20.77 16.12 -14.59
CA ALA B 14 -21.50 16.51 -15.78
C ALA B 14 -20.96 15.74 -16.99
N ALA B 15 -21.89 15.29 -17.83
CA ALA B 15 -21.57 14.50 -19.01
C ALA B 15 -20.75 15.30 -20.03
N ASP B 16 -20.92 16.63 -20.04
CA ASP B 16 -20.19 17.49 -20.98
C ASP B 16 -18.85 17.95 -20.44
N ASP B 17 -18.48 17.55 -19.22
CA ASP B 17 -17.18 17.94 -18.69
C ASP B 17 -16.09 16.99 -19.17
N TYR B 18 -15.57 17.24 -20.38
CA TYR B 18 -14.57 16.41 -21.00
C TYR B 18 -13.21 16.56 -20.31
N VAL B 19 -12.95 17.74 -19.72
CA VAL B 19 -11.71 17.88 -18.98
C VAL B 19 -11.81 16.97 -17.76
N GLY B 20 -12.96 17.01 -17.10
CA GLY B 20 -13.17 16.16 -15.95
C GLY B 20 -12.94 14.70 -16.28
N PHE B 21 -13.50 14.25 -17.41
CA PHE B 21 -13.43 12.84 -17.76
C PHE B 21 -11.97 12.42 -17.96
N THR B 22 -11.19 13.27 -18.63
CA THR B 22 -9.82 12.96 -18.97
C THR B 22 -8.92 13.04 -17.73
N PHE B 23 -9.29 13.79 -16.71
CA PHE B 23 -8.54 13.70 -15.47
C PHE B 23 -8.75 12.35 -14.81
N PHE B 24 -10.01 11.82 -14.81
CA PHE B 24 -10.28 10.52 -14.20
C PHE B 24 -9.60 9.37 -14.95
N VAL B 25 -9.60 9.43 -16.28
CA VAL B 25 -9.02 8.37 -17.06
C VAL B 25 -7.52 8.40 -16.90
N GLY B 26 -6.91 9.59 -16.97
CA GLY B 26 -5.47 9.75 -16.88
C GLY B 26 -4.97 9.26 -15.52
N CYS B 27 -5.63 9.66 -14.47
CA CYS B 27 -5.24 9.13 -13.17
C CYS B 27 -5.27 7.61 -13.15
N MET B 28 -6.36 6.95 -13.65
CA MET B 28 -6.46 5.49 -13.60
C MET B 28 -5.41 4.81 -14.50
N ALA B 29 -5.14 5.35 -15.68
CA ALA B 29 -4.18 4.75 -16.59
C ALA B 29 -2.76 4.83 -15.99
N MET B 30 -2.39 5.97 -15.40
CA MET B 30 -1.07 6.07 -14.82
C MET B 30 -0.96 5.12 -13.61
N MET B 31 -1.99 5.05 -12.80
CA MET B 31 -1.97 4.12 -11.67
C MET B 31 -1.77 2.68 -12.12
N ALA B 32 -2.44 2.27 -13.20
CA ALA B 32 -2.32 0.91 -13.69
C ALA B 32 -0.95 0.65 -14.32
N ALA B 33 -0.46 1.62 -15.10
CA ALA B 33 0.88 1.52 -15.65
C ALA B 33 1.92 1.42 -14.53
N SER B 34 1.78 2.21 -13.49
CA SER B 34 2.77 2.08 -12.42
C SER B 34 2.78 0.66 -11.87
N ALA B 35 1.58 0.06 -11.64
CA ALA B 35 1.51 -1.29 -11.11
C ALA B 35 2.12 -2.29 -12.09
N PHE B 36 1.89 -2.07 -13.39
CA PHE B 36 2.39 -3.00 -14.38
C PHE B 36 3.90 -3.05 -14.39
N PHE B 37 4.56 -1.88 -14.35
CA PHE B 37 6.03 -1.82 -14.41
C PHE B 37 6.60 -2.32 -13.10
N PHE B 38 6.12 -1.84 -11.94
CA PHE B 38 6.69 -2.36 -10.68
C PHE B 38 6.53 -3.86 -10.55
N LEU B 39 5.37 -4.43 -10.94
CA LEU B 39 5.16 -5.86 -10.74
C LEU B 39 5.85 -6.69 -11.83
N SER B 40 6.29 -6.08 -12.94
CA SER B 40 6.95 -6.84 -14.00
C SER B 40 8.44 -6.99 -13.74
N MET B 41 8.98 -6.12 -12.90
CA MET B 41 10.44 -5.95 -12.78
C MET B 41 11.11 -7.28 -12.49
N SER B 42 10.51 -8.09 -11.61
CA SER B 42 11.14 -9.31 -11.13
C SER B 42 11.20 -10.45 -12.16
N SER B 43 10.55 -10.30 -13.31
CA SER B 43 10.56 -11.35 -14.32
C SER B 43 11.72 -11.15 -15.31
N PHE B 44 12.66 -10.26 -14.98
CA PHE B 44 13.72 -9.88 -15.89
C PHE B 44 15.07 -10.03 -15.19
N GLU B 45 16.11 -10.27 -15.99
CA GLU B 45 17.46 -10.31 -15.46
C GLU B 45 17.76 -8.95 -14.87
N ARG B 46 18.65 -8.92 -13.86
CA ARG B 46 19.03 -7.72 -13.15
C ARG B 46 19.36 -6.57 -14.08
N LYS B 47 20.02 -6.84 -15.21
CA LYS B 47 20.49 -5.77 -16.07
C LYS B 47 19.36 -4.92 -16.67
N TRP B 48 18.11 -5.39 -16.69
CA TRP B 48 17.03 -4.60 -17.25
C TRP B 48 16.22 -3.90 -16.17
N ARG B 49 16.28 -4.44 -14.95
CA ARG B 49 15.35 -4.03 -13.92
C ARG B 49 15.35 -2.52 -13.66
N THR B 50 16.50 -1.84 -13.72
CA THR B 50 16.52 -0.42 -13.39
C THR B 50 15.72 0.40 -14.42
N SER B 51 15.92 0.15 -15.72
CA SER B 51 15.17 0.87 -16.73
C SER B 51 13.66 0.68 -16.52
N ILE B 52 13.24 -0.51 -16.07
CA ILE B 52 11.81 -0.72 -15.88
C ILE B 52 11.34 -0.03 -14.61
N LEU B 53 12.10 -0.16 -13.51
CA LEU B 53 11.75 0.53 -12.29
C LEU B 53 11.53 2.02 -12.54
N VAL B 54 12.48 2.68 -13.24
CA VAL B 54 12.35 4.09 -13.53
C VAL B 54 11.10 4.41 -14.39
N SER B 55 10.76 3.57 -15.38
CA SER B 55 9.48 3.71 -16.05
C SER B 55 8.30 3.72 -15.09
N GLY B 56 8.31 2.84 -14.11
CA GLY B 56 7.29 2.90 -13.07
C GLY B 56 7.32 4.15 -12.20
N LEU B 57 8.52 4.62 -11.78
CA LEU B 57 8.57 5.89 -11.06
C LEU B 57 7.90 7.03 -11.80
N ILE B 58 8.23 7.17 -13.10
CA ILE B 58 7.62 8.20 -13.93
C ILE B 58 6.08 8.11 -13.86
N THR B 59 5.48 6.96 -14.16
CA THR B 59 4.02 6.92 -14.06
C THR B 59 3.53 7.03 -12.60
N PHE B 60 4.32 6.62 -11.59
CA PHE B 60 3.84 6.73 -10.20
C PHE B 60 3.71 8.18 -9.74
N ILE B 61 4.72 9.01 -10.05
CA ILE B 61 4.63 10.42 -9.74
C ILE B 61 3.41 11.03 -10.40
N ALA B 62 3.27 10.81 -11.72
CA ALA B 62 2.11 11.31 -12.46
C ALA B 62 0.79 10.78 -11.88
N ALA B 63 0.66 9.49 -11.57
CA ALA B 63 -0.60 9.02 -10.96
C ALA B 63 -0.95 9.81 -9.71
N VAL B 64 0.02 10.04 -8.81
CA VAL B 64 -0.27 10.73 -7.57
C VAL B 64 -0.61 12.21 -7.85
N HIS B 65 0.15 12.89 -8.71
CA HIS B 65 -0.22 14.27 -9.01
C HIS B 65 -1.54 14.35 -9.79
N TYR B 66 -1.84 13.41 -10.69
CA TYR B 66 -3.14 13.42 -11.34
C TYR B 66 -4.29 13.25 -10.37
N TRP B 67 -4.09 12.47 -9.30
CA TRP B 67 -5.12 12.34 -8.29
C TRP B 67 -5.47 13.70 -7.64
N TYR B 68 -4.44 14.47 -7.28
CA TYR B 68 -4.66 15.79 -6.70
C TYR B 68 -5.31 16.70 -7.75
N MET B 69 -4.78 16.77 -8.95
CA MET B 69 -5.37 17.69 -9.92
C MET B 69 -6.82 17.34 -10.25
N ARG B 70 -7.16 16.04 -10.34
CA ARG B 70 -8.53 15.59 -10.57
C ARG B 70 -9.48 16.12 -9.51
N ASP B 71 -9.06 16.03 -8.24
CA ASP B 71 -9.91 16.52 -7.16
C ASP B 71 -10.03 18.03 -7.22
N TYR B 72 -8.92 18.71 -7.52
CA TYR B 72 -8.96 20.15 -7.57
C TYR B 72 -9.89 20.62 -8.68
N TRP B 73 -9.86 19.95 -9.84
CA TRP B 73 -10.79 20.31 -10.90
C TRP B 73 -12.24 20.07 -10.51
N SER B 74 -12.53 18.96 -9.81
CA SER B 74 -13.86 18.72 -9.27
C SER B 74 -14.33 19.89 -8.38
N GLY B 75 -13.44 20.41 -7.54
CA GLY B 75 -13.76 21.52 -6.66
C GLY B 75 -13.97 22.84 -7.40
N PHE B 76 -12.95 23.31 -8.12
CA PHE B 76 -12.88 24.67 -8.59
C PHE B 76 -13.10 24.82 -10.10
N ALA B 77 -13.08 23.74 -10.85
CA ALA B 77 -13.14 23.81 -12.31
C ALA B 77 -12.03 24.68 -12.88
N GLU B 78 -10.84 24.61 -12.26
CA GLU B 78 -9.64 25.25 -12.78
C GLU B 78 -8.46 24.29 -12.76
N SER B 79 -7.59 24.42 -13.76
CA SER B 79 -6.35 23.70 -13.73
C SER B 79 -5.23 24.66 -14.14
N PRO B 80 -4.62 25.38 -13.18
CA PRO B 80 -3.52 26.27 -13.51
C PRO B 80 -2.28 25.55 -14.04
N VAL B 81 -1.73 26.04 -15.14
CA VAL B 81 -0.70 25.31 -15.86
C VAL B 81 0.51 25.16 -14.94
N PHE B 82 0.82 26.18 -14.14
CA PHE B 82 2.02 26.12 -13.32
C PHE B 82 1.96 24.92 -12.39
N PHE B 83 0.75 24.49 -12.01
CA PHE B 83 0.66 23.37 -11.09
C PHE B 83 1.05 22.05 -11.77
N ARG B 84 1.00 21.99 -13.10
CA ARG B 84 1.44 20.80 -13.79
C ARG B 84 2.93 20.61 -13.63
N TYR B 85 3.68 21.71 -13.41
CA TYR B 85 5.13 21.62 -13.33
C TYR B 85 5.60 20.84 -12.11
N VAL B 86 4.75 20.69 -11.08
CA VAL B 86 5.08 19.86 -9.93
C VAL B 86 5.54 18.48 -10.40
N ASP B 87 4.85 17.90 -11.37
CA ASP B 87 5.22 16.59 -11.89
C ASP B 87 6.31 16.72 -12.95
N TRP B 88 6.14 17.62 -13.95
CA TRP B 88 7.13 17.76 -15.01
C TRP B 88 8.56 17.95 -14.52
N VAL B 89 8.79 18.73 -13.46
CA VAL B 89 10.18 18.94 -13.02
C VAL B 89 10.80 17.64 -12.54
N LEU B 90 10.02 16.63 -12.13
CA LEU B 90 10.60 15.36 -11.73
C LEU B 90 10.59 14.36 -12.88
N THR B 91 9.47 14.25 -13.62
CA THR B 91 9.35 13.20 -14.61
C THR B 91 10.20 13.48 -15.86
N VAL B 92 10.34 14.73 -16.30
CA VAL B 92 11.11 14.95 -17.53
C VAL B 92 12.58 14.56 -17.36
N PRO B 93 13.27 14.90 -16.25
CA PRO B 93 14.61 14.36 -16.03
C PRO B 93 14.67 12.85 -15.95
N LEU B 94 13.69 12.20 -15.27
CA LEU B 94 13.70 10.75 -15.25
C LEU B 94 13.59 10.20 -16.67
N MET B 95 12.72 10.76 -17.50
CA MET B 95 12.65 10.29 -18.88
C MET B 95 13.99 10.47 -19.58
N CYS B 96 14.67 11.61 -19.41
CA CYS B 96 15.99 11.82 -20.01
C CYS B 96 17.03 10.82 -19.53
N VAL B 97 16.97 10.41 -18.26
CA VAL B 97 17.89 9.39 -17.74
C VAL B 97 17.68 8.06 -18.46
N GLU B 98 16.45 7.74 -18.87
CA GLU B 98 16.21 6.51 -19.60
C GLU B 98 17.10 6.39 -20.85
N PHE B 99 17.50 7.51 -21.52
CA PHE B 99 18.46 7.39 -22.61
C PHE B 99 19.77 6.78 -22.12
N TYR B 100 20.22 7.19 -20.94
CA TYR B 100 21.45 6.64 -20.41
C TYR B 100 21.25 5.17 -20.08
N LEU B 101 20.16 4.82 -19.40
CA LEU B 101 19.95 3.44 -18.98
C LEU B 101 19.90 2.48 -20.17
N ILE B 102 19.22 2.83 -21.28
CA ILE B 102 19.20 1.93 -22.42
C ILE B 102 20.49 1.94 -23.25
N LEU B 103 21.41 2.90 -23.07
CA LEU B 103 22.63 2.91 -23.87
C LEU B 103 23.86 2.54 -23.06
N LYS B 104 23.67 2.21 -21.77
CA LYS B 104 24.79 1.91 -20.89
C LYS B 104 25.55 0.68 -21.42
N VAL B 105 24.84 -0.27 -22.04
CA VAL B 105 25.47 -1.48 -22.55
C VAL B 105 26.30 -1.14 -23.78
N ALA B 106 25.81 -0.16 -24.56
CA ALA B 106 26.46 0.26 -25.78
C ALA B 106 27.66 1.18 -25.49
N GLY B 107 27.93 1.45 -24.20
CA GLY B 107 29.12 2.18 -23.81
C GLY B 107 28.88 3.67 -23.48
N ALA B 108 27.65 4.04 -23.12
CA ALA B 108 27.41 5.39 -22.64
C ALA B 108 28.11 5.59 -21.30
N LYS B 109 28.59 6.82 -21.08
CA LYS B 109 29.33 7.20 -19.88
C LYS B 109 28.51 8.19 -19.05
N LYS B 110 28.80 8.26 -17.75
CA LYS B 110 28.01 9.09 -16.85
C LYS B 110 27.94 10.54 -17.34
N SER B 111 28.97 10.97 -18.08
CA SER B 111 28.98 12.30 -18.68
C SER B 111 27.66 12.53 -19.41
N LEU B 112 27.17 11.50 -20.12
CA LEU B 112 25.95 11.64 -20.90
C LEU B 112 24.78 11.83 -19.95
N MET B 113 24.73 11.01 -18.90
CA MET B 113 23.67 11.10 -17.91
C MET B 113 23.56 12.51 -17.31
N TRP B 114 24.70 13.04 -16.86
CA TRP B 114 24.74 14.38 -16.28
C TRP B 114 24.33 15.45 -17.29
N LYS B 115 24.82 15.36 -18.53
CA LYS B 115 24.41 16.29 -19.56
C LYS B 115 22.88 16.29 -19.68
N LEU B 116 22.28 15.10 -19.82
CA LEU B 116 20.84 15.05 -20.04
C LEU B 116 20.09 15.55 -18.81
N ILE B 117 20.57 15.17 -17.60
CA ILE B 117 19.88 15.67 -16.41
C ILE B 117 19.94 17.19 -16.39
N PHE B 118 21.13 17.76 -16.61
CA PHE B 118 21.30 19.21 -16.60
C PHE B 118 20.38 19.89 -17.62
N LEU B 119 20.38 19.42 -18.88
CA LEU B 119 19.53 20.10 -19.87
C LEU B 119 18.06 20.00 -19.49
N SER B 120 17.61 18.81 -19.05
CA SER B 120 16.19 18.65 -18.74
C SER B 120 15.77 19.57 -17.59
N VAL B 121 16.61 19.64 -16.54
CA VAL B 121 16.29 20.48 -15.40
C VAL B 121 16.30 21.98 -15.78
N VAL B 122 17.31 22.43 -16.53
CA VAL B 122 17.28 23.81 -17.00
C VAL B 122 15.99 24.04 -17.77
N MET B 123 15.68 23.16 -18.73
CA MET B 123 14.46 23.35 -19.51
C MET B 123 13.24 23.56 -18.61
N LEU B 124 13.05 22.68 -17.60
CA LEU B 124 11.82 22.77 -16.82
C LEU B 124 11.81 23.95 -15.86
N VAL B 125 12.95 24.25 -15.22
CA VAL B 125 13.00 25.39 -14.30
C VAL B 125 12.87 26.73 -15.02
N THR B 126 13.58 26.94 -16.13
CA THR B 126 13.34 28.16 -16.90
C THR B 126 11.89 28.26 -17.35
N GLY B 127 11.29 27.13 -17.77
CA GLY B 127 9.86 27.16 -18.11
C GLY B 127 8.98 27.62 -16.95
N TYR B 128 9.29 27.14 -15.73
CA TYR B 128 8.51 27.53 -14.55
C TYR B 128 8.68 29.01 -14.22
N PHE B 129 9.91 29.54 -14.31
CA PHE B 129 10.15 30.97 -14.12
C PHE B 129 9.32 31.80 -15.11
N GLY B 130 9.31 31.41 -16.39
CA GLY B 130 8.47 32.10 -17.36
C GLY B 130 6.99 32.05 -17.00
N GLU B 131 6.52 30.94 -16.44
CA GLU B 131 5.09 30.71 -16.27
C GLU B 131 4.54 31.26 -14.95
N ALA B 132 5.39 31.38 -13.92
CA ALA B 132 4.90 31.58 -12.56
C ALA B 132 5.57 32.73 -11.84
N VAL B 133 6.88 32.94 -12.03
CA VAL B 133 7.61 33.91 -11.22
C VAL B 133 7.77 35.22 -11.99
N ASP B 134 7.99 35.15 -13.31
CA ASP B 134 8.37 36.35 -14.06
C ASP B 134 7.71 36.35 -15.44
N ARG B 135 6.39 36.55 -15.49
CA ARG B 135 5.65 36.41 -16.73
C ARG B 135 5.87 37.62 -17.63
N GLY B 136 6.39 38.72 -17.08
CA GLY B 136 6.80 39.85 -17.88
C GLY B 136 7.80 39.43 -18.97
N ASN B 137 8.74 38.55 -18.57
CA ASN B 137 9.82 38.14 -19.44
C ASN B 137 9.64 36.69 -19.89
N ALA B 138 8.38 36.31 -20.14
CA ALA B 138 8.03 34.93 -20.45
C ALA B 138 8.67 34.47 -21.76
N TRP B 139 8.80 35.38 -22.72
CA TRP B 139 9.40 35.06 -24.01
C TRP B 139 10.89 34.77 -23.82
N LEU B 140 11.55 35.49 -22.91
CA LEU B 140 12.97 35.29 -22.69
C LEU B 140 13.19 33.94 -22.00
N TRP B 141 12.44 33.69 -20.92
CA TRP B 141 12.49 32.40 -20.27
C TRP B 141 12.11 31.29 -21.26
N GLY B 142 11.08 31.55 -22.08
CA GLY B 142 10.73 30.62 -23.14
C GLY B 142 11.96 30.22 -23.97
N LEU B 143 12.68 31.26 -24.39
CA LEU B 143 13.81 31.10 -25.29
C LEU B 143 14.90 30.26 -24.64
N PHE B 144 15.26 30.56 -23.39
CA PHE B 144 16.18 29.70 -22.66
C PHE B 144 15.68 28.26 -22.60
N SER B 145 14.40 28.04 -22.27
CA SER B 145 13.88 26.68 -22.25
C SER B 145 14.00 26.06 -23.63
N GLY B 146 13.59 26.84 -24.66
CA GLY B 146 13.62 26.40 -26.04
C GLY B 146 15.00 25.89 -26.45
N VAL B 147 16.04 26.61 -26.03
CA VAL B 147 17.38 26.23 -26.42
C VAL B 147 17.77 24.94 -25.72
N ALA B 148 17.44 24.79 -24.43
CA ALA B 148 17.70 23.50 -23.78
C ALA B 148 16.97 22.37 -24.50
N TYR B 149 15.69 22.57 -24.86
CA TYR B 149 15.01 21.53 -25.61
C TYR B 149 15.79 21.19 -26.85
N PHE B 150 16.20 22.21 -27.64
CA PHE B 150 16.83 21.95 -28.92
C PHE B 150 18.10 21.14 -28.73
N TRP B 151 18.88 21.48 -27.70
CA TRP B 151 20.09 20.74 -27.41
C TRP B 151 19.76 19.27 -27.12
N ILE B 152 18.70 19.00 -26.34
CA ILE B 152 18.35 17.61 -26.08
C ILE B 152 18.03 16.93 -27.40
N VAL B 153 17.13 17.52 -28.16
CA VAL B 153 16.79 16.93 -29.45
C VAL B 153 18.04 16.68 -30.29
N ILE B 154 18.96 17.65 -30.40
CA ILE B 154 20.13 17.44 -31.25
C ILE B 154 20.97 16.30 -30.70
N GLU B 155 21.14 16.23 -29.38
CA GLU B 155 22.00 15.21 -28.81
C GLU B 155 21.49 13.81 -29.21
N ILE B 156 20.18 13.55 -29.10
CA ILE B 156 19.69 12.21 -29.29
C ILE B 156 19.49 11.88 -30.77
N TRP B 157 19.13 12.85 -31.60
CA TRP B 157 18.99 12.58 -33.03
C TRP B 157 20.32 12.52 -33.78
N PHE B 158 21.34 13.30 -33.38
CA PHE B 158 22.56 13.40 -34.16
C PHE B 158 23.84 13.23 -33.33
N GLY B 159 23.74 13.49 -32.03
CA GLY B 159 24.93 13.58 -31.19
C GLY B 159 25.49 12.23 -30.81
N LYS B 160 26.20 12.21 -29.67
CA LYS B 160 26.87 11.03 -29.18
C LYS B 160 25.86 9.91 -28.93
N ALA B 161 24.73 10.25 -28.31
CA ALA B 161 23.76 9.22 -27.95
C ALA B 161 23.32 8.48 -29.20
N LYS B 162 23.14 9.21 -30.30
CA LYS B 162 22.72 8.61 -31.55
C LYS B 162 23.81 7.67 -32.06
N LYS B 163 25.07 8.10 -31.97
CA LYS B 163 26.17 7.28 -32.45
C LYS B 163 26.25 5.99 -31.65
N LEU B 164 26.11 6.06 -30.32
CA LEU B 164 26.13 4.85 -29.51
C LEU B 164 25.01 3.90 -29.93
N ALA B 165 23.79 4.43 -30.09
CA ALA B 165 22.68 3.59 -30.48
C ALA B 165 23.00 2.90 -31.80
N VAL B 166 23.54 3.66 -32.75
CA VAL B 166 23.73 3.14 -34.10
C VAL B 166 24.77 2.02 -34.07
N ALA B 167 25.80 2.19 -33.24
CA ALA B 167 26.85 1.19 -33.11
C ALA B 167 26.28 -0.11 -32.54
N ALA B 168 25.48 0.00 -31.48
CA ALA B 168 24.86 -1.16 -30.84
C ALA B 168 24.02 -1.93 -31.85
N GLY B 169 23.24 -1.19 -32.64
CA GLY B 169 22.30 -1.80 -33.58
C GLY B 169 21.23 -2.62 -32.87
N GLY B 170 20.38 -3.24 -33.67
CA GLY B 170 19.43 -4.22 -33.16
C GLY B 170 18.28 -3.59 -32.41
N ASP B 171 17.87 -4.27 -31.34
CA ASP B 171 16.72 -3.88 -30.55
C ASP B 171 16.93 -2.49 -29.94
N VAL B 172 18.16 -2.24 -29.45
CA VAL B 172 18.53 -0.95 -28.86
C VAL B 172 18.31 0.18 -29.85
N LEU B 173 18.87 0.04 -31.06
CA LEU B 173 18.73 1.12 -32.04
C LEU B 173 17.24 1.37 -32.26
N ALA B 174 16.49 0.28 -32.42
CA ALA B 174 15.05 0.40 -32.63
C ALA B 174 14.38 1.19 -31.50
N ALA B 175 14.62 0.77 -30.25
CA ALA B 175 14.07 1.50 -29.10
C ALA B 175 14.51 2.97 -29.12
N HIS B 176 15.82 3.22 -29.34
CA HIS B 176 16.32 4.59 -29.40
C HIS B 176 15.53 5.43 -30.40
N LYS B 177 15.34 4.91 -31.60
CA LYS B 177 14.65 5.71 -32.61
C LYS B 177 13.21 6.01 -32.19
N THR B 178 12.51 5.03 -31.61
CA THR B 178 11.15 5.30 -31.19
C THR B 178 11.10 6.39 -30.11
N LEU B 179 11.95 6.26 -29.07
CA LEU B 179 12.07 7.32 -28.07
C LEU B 179 12.37 8.68 -28.73
N CYS B 180 13.22 8.72 -29.77
CA CYS B 180 13.48 10.02 -30.38
C CYS B 180 12.22 10.61 -31.02
N TRP B 181 11.34 9.78 -31.60
CA TRP B 181 10.08 10.32 -32.09
C TRP B 181 9.20 10.86 -30.97
N PHE B 182 9.05 10.11 -29.86
CA PHE B 182 8.30 10.63 -28.73
C PHE B 182 8.83 11.99 -28.27
N VAL B 183 10.15 12.12 -28.12
CA VAL B 183 10.71 13.42 -27.75
C VAL B 183 10.41 14.48 -28.82
N LEU B 184 10.63 14.19 -30.10
CA LEU B 184 10.41 15.23 -31.12
C LEU B 184 8.94 15.61 -31.25
N VAL B 185 8.05 14.61 -31.39
CA VAL B 185 6.68 14.93 -31.75
C VAL B 185 5.81 14.91 -30.48
N GLY B 186 5.94 13.88 -29.64
CA GLY B 186 5.10 13.82 -28.47
C GLY B 186 5.32 14.99 -27.53
N TRP B 187 6.57 15.44 -27.34
CA TRP B 187 6.84 16.55 -26.44
C TRP B 187 6.50 17.93 -27.00
N ALA B 188 6.25 18.06 -28.30
CA ALA B 188 6.00 19.38 -28.91
C ALA B 188 4.75 20.07 -28.36
N ILE B 189 3.80 19.31 -27.79
CA ILE B 189 2.61 19.90 -27.23
C ILE B 189 2.96 20.88 -26.10
N TYR B 190 4.03 20.62 -25.34
CA TYR B 190 4.29 21.45 -24.16
C TYR B 190 4.76 22.85 -24.55
N PRO B 191 5.83 23.04 -25.35
CA PRO B 191 6.15 24.37 -25.88
C PRO B 191 4.98 25.07 -26.55
N ILE B 192 4.12 24.32 -27.27
CA ILE B 192 2.97 24.97 -27.90
C ILE B 192 2.01 25.52 -26.84
N GLY B 193 1.67 24.72 -25.84
CA GLY B 193 0.78 25.22 -24.83
C GLY B 193 1.38 26.40 -24.07
N TYR B 194 2.71 26.42 -23.90
CA TYR B 194 3.35 27.56 -23.26
C TYR B 194 3.09 28.84 -24.04
N MET B 195 3.25 28.77 -25.37
CA MET B 195 3.03 29.93 -26.23
C MET B 195 1.56 30.30 -26.24
N ALA B 196 0.67 29.32 -26.07
CA ALA B 196 -0.76 29.60 -26.10
C ALA B 196 -1.20 30.30 -24.82
N GLY B 197 -0.48 30.06 -23.70
CA GLY B 197 -0.95 30.47 -22.40
C GLY B 197 -0.23 31.70 -21.85
N THR B 198 0.92 32.06 -22.44
CA THR B 198 1.77 33.13 -21.98
C THR B 198 1.55 34.37 -22.85
N PRO B 199 1.71 35.58 -22.29
CA PRO B 199 1.77 36.80 -23.09
C PRO B 199 3.14 37.00 -23.73
N GLY B 200 3.15 37.33 -25.02
CA GLY B 200 4.39 37.51 -25.75
C GLY B 200 4.13 38.04 -27.15
N TRP B 201 4.97 37.59 -28.09
CA TRP B 201 4.83 37.94 -29.50
C TRP B 201 4.06 36.84 -30.24
N TYR B 202 3.64 35.81 -29.50
CA TYR B 202 3.03 34.61 -30.08
C TYR B 202 1.58 34.49 -29.60
N ASP B 203 1.05 35.54 -28.97
CA ASP B 203 -0.30 35.50 -28.44
C ASP B 203 -1.34 35.62 -29.56
N SER B 204 -0.94 36.15 -30.73
CA SER B 204 -1.82 36.19 -31.88
C SER B 204 -1.96 34.79 -32.47
N ILE B 205 -0.84 34.06 -32.63
CA ILE B 205 -0.81 32.82 -33.38
C ILE B 205 -1.46 31.70 -32.54
N PHE B 206 -0.96 31.53 -31.32
CA PHE B 206 -1.37 30.42 -30.48
C PHE B 206 -2.24 30.79 -29.30
N GLY B 207 -2.47 32.10 -29.03
CA GLY B 207 -3.10 32.50 -27.79
C GLY B 207 -4.61 32.20 -27.79
N GLY B 208 -5.11 31.74 -26.63
CA GLY B 208 -6.53 31.55 -26.39
C GLY B 208 -6.98 30.12 -26.67
N TRP B 209 -6.07 29.15 -26.51
CA TRP B 209 -6.38 27.75 -26.76
C TRP B 209 -6.49 26.96 -25.45
N ASP B 210 -7.53 26.12 -25.34
CA ASP B 210 -7.71 25.27 -24.17
C ASP B 210 -7.00 23.93 -24.40
N LEU B 211 -5.94 23.75 -23.62
CA LEU B 211 -5.07 22.61 -23.74
C LEU B 211 -5.37 21.52 -22.72
N ASN B 212 -6.30 21.73 -21.78
CA ASN B 212 -6.46 20.78 -20.69
C ASN B 212 -6.69 19.35 -21.17
N VAL B 213 -7.61 19.15 -22.13
CA VAL B 213 -7.85 17.82 -22.66
C VAL B 213 -6.58 17.29 -23.31
N ILE B 214 -5.89 18.13 -24.09
CA ILE B 214 -4.64 17.75 -24.76
C ILE B 214 -3.56 17.39 -23.73
N TYR B 215 -3.36 18.22 -22.72
CA TYR B 215 -2.44 17.87 -21.65
C TYR B 215 -2.82 16.54 -21.02
N ASN B 216 -4.10 16.31 -20.69
CA ASN B 216 -4.44 15.09 -19.96
C ASN B 216 -4.22 13.84 -20.81
N ILE B 217 -4.55 13.90 -22.09
CA ILE B 217 -4.36 12.74 -22.94
C ILE B 217 -2.88 12.59 -23.31
N GLY B 218 -2.24 13.69 -23.74
CA GLY B 218 -0.83 13.71 -24.05
C GLY B 218 0.07 13.21 -22.90
N ASP B 219 -0.17 13.64 -21.66
CA ASP B 219 0.66 13.12 -20.56
C ASP B 219 0.60 11.59 -20.53
N ALA B 220 -0.62 11.03 -20.54
CA ALA B 220 -0.75 9.59 -20.44
C ALA B 220 -0.04 8.88 -21.59
N ILE B 221 -0.26 9.38 -22.81
CA ILE B 221 0.37 8.72 -23.94
C ILE B 221 1.89 8.87 -23.87
N ASN B 222 2.37 10.10 -23.62
CA ASN B 222 3.81 10.33 -23.50
C ASN B 222 4.44 9.42 -22.43
N LYS B 223 3.90 9.40 -21.21
CA LYS B 223 4.54 8.63 -20.13
C LYS B 223 4.36 7.12 -20.27
N ILE B 224 3.15 6.63 -20.58
CA ILE B 224 2.99 5.19 -20.72
C ILE B 224 3.66 4.69 -22.00
N GLY B 225 3.64 5.49 -23.07
CA GLY B 225 4.34 5.14 -24.30
C GLY B 225 5.84 4.95 -24.11
N PHE B 226 6.49 5.91 -23.46
CA PHE B 226 7.92 5.79 -23.20
C PHE B 226 8.21 4.48 -22.48
N GLY B 227 7.43 4.18 -21.45
CA GLY B 227 7.73 2.99 -20.68
C GLY B 227 7.49 1.72 -21.44
N LEU B 228 6.40 1.67 -22.24
CA LEU B 228 6.14 0.50 -23.07
C LEU B 228 7.22 0.25 -24.12
N VAL B 229 7.91 1.31 -24.57
CA VAL B 229 9.04 1.10 -25.48
C VAL B 229 10.20 0.49 -24.72
N ILE B 230 10.44 0.96 -23.50
CA ILE B 230 11.53 0.37 -22.70
C ILE B 230 11.19 -1.06 -22.33
N TYR B 231 9.96 -1.30 -21.87
CA TYR B 231 9.58 -2.68 -21.56
C TYR B 231 9.72 -3.59 -22.78
N ASN B 232 9.27 -3.13 -23.96
CA ASN B 232 9.44 -3.90 -25.17
C ASN B 232 10.91 -4.23 -25.49
N LEU B 233 11.86 -3.34 -25.15
CA LEU B 233 13.26 -3.62 -25.38
C LEU B 233 13.74 -4.75 -24.47
N ALA B 234 13.39 -4.70 -23.19
CA ALA B 234 13.73 -5.79 -22.29
C ALA B 234 13.18 -7.13 -22.79
N VAL B 235 11.94 -7.13 -23.26
CA VAL B 235 11.29 -8.34 -23.74
C VAL B 235 11.99 -8.88 -24.98
N GLN B 236 12.20 -8.05 -25.98
CA GLN B 236 12.90 -8.46 -27.18
C GLN B 236 14.27 -9.06 -26.83
N ALA B 237 15.01 -8.43 -25.94
CA ALA B 237 16.38 -8.85 -25.66
C ALA B 237 16.37 -10.20 -24.95
N THR B 238 15.47 -10.32 -23.98
CA THR B 238 15.35 -11.50 -23.14
C THR B 238 15.00 -12.72 -23.98
N ASN B 239 14.13 -12.54 -24.99
CA ASN B 239 13.51 -13.70 -25.63
C ASN B 239 14.43 -14.20 -26.74
N LYS B 240 15.65 -13.64 -26.84
CA LYS B 240 16.64 -14.17 -27.76
C LYS B 240 17.99 -14.14 -27.06
N VAL C 11 -25.63 10.09 5.29
CA VAL C 11 -25.28 8.92 4.41
C VAL C 11 -25.58 7.63 5.17
N ARG C 12 -26.79 7.57 5.74
CA ARG C 12 -27.29 6.39 6.39
C ARG C 12 -27.60 5.33 5.33
N LEU C 13 -27.29 4.06 5.64
CA LEU C 13 -27.61 2.95 4.76
C LEU C 13 -29.06 2.53 4.94
N ALA C 14 -29.66 2.10 3.84
CA ALA C 14 -31.04 1.60 3.85
C ALA C 14 -31.05 0.18 3.32
N ALA C 15 -31.86 -0.66 3.97
CA ALA C 15 -31.89 -2.09 3.65
C ALA C 15 -32.44 -2.35 2.26
N ASP C 16 -33.30 -1.46 1.76
CA ASP C 16 -33.89 -1.64 0.43
C ASP C 16 -33.03 -1.05 -0.69
N ASP C 17 -31.89 -0.43 -0.37
CA ASP C 17 -31.04 0.12 -1.41
C ASP C 17 -30.13 -0.97 -1.99
N TYR C 18 -30.68 -1.72 -2.95
CA TYR C 18 -29.96 -2.83 -3.56
C TYR C 18 -28.85 -2.33 -4.48
N VAL C 19 -28.99 -1.12 -5.04
CA VAL C 19 -27.92 -0.59 -5.84
C VAL C 19 -26.76 -0.32 -4.90
N GLY C 20 -27.07 0.29 -3.76
CA GLY C 20 -26.04 0.56 -2.78
C GLY C 20 -25.30 -0.70 -2.38
N PHE C 21 -26.05 -1.77 -2.13
CA PHE C 21 -25.46 -2.99 -1.65
C PHE C 21 -24.48 -3.55 -2.67
N THR C 22 -24.87 -3.54 -3.94
CA THR C 22 -24.08 -4.12 -5.02
C THR C 22 -22.88 -3.25 -5.34
N PHE C 23 -22.91 -1.96 -5.05
CA PHE C 23 -21.67 -1.19 -5.17
C PHE C 23 -20.67 -1.61 -4.12
N PHE C 24 -21.11 -1.85 -2.86
CA PHE C 24 -20.20 -2.27 -1.80
C PHE C 24 -19.60 -3.66 -2.05
N VAL C 25 -20.43 -4.57 -2.53
CA VAL C 25 -19.96 -5.91 -2.78
C VAL C 25 -18.97 -5.91 -3.95
N GLY C 26 -19.33 -5.22 -5.04
CA GLY C 26 -18.49 -5.19 -6.24
C GLY C 26 -17.14 -4.57 -5.94
N CYS C 27 -17.12 -3.47 -5.24
CA CYS C 27 -15.84 -2.90 -4.85
C CYS C 27 -15.00 -3.92 -4.07
N MET C 28 -15.57 -4.63 -3.05
CA MET C 28 -14.80 -5.57 -2.24
C MET C 28 -14.34 -6.79 -3.06
N ALA C 29 -15.21 -7.31 -3.95
CA ALA C 29 -14.83 -8.46 -4.76
C ALA C 29 -13.69 -8.11 -5.73
N MET C 30 -13.73 -6.94 -6.33
CA MET C 30 -12.68 -6.54 -7.25
C MET C 30 -11.37 -6.36 -6.47
N MET C 31 -11.44 -5.69 -5.35
CA MET C 31 -10.25 -5.51 -4.52
C MET C 31 -9.60 -6.85 -4.14
N ALA C 32 -10.43 -7.85 -3.79
CA ALA C 32 -9.92 -9.14 -3.41
C ALA C 32 -9.31 -9.88 -4.61
N ALA C 33 -10.02 -9.86 -5.74
CA ALA C 33 -9.52 -10.45 -6.97
C ALA C 33 -8.19 -9.80 -7.37
N SER C 34 -8.09 -8.49 -7.27
CA SER C 34 -6.80 -7.89 -7.62
C SER C 34 -5.70 -8.45 -6.76
N ALA C 35 -5.93 -8.58 -5.44
CA ALA C 35 -4.89 -9.11 -4.54
C ALA C 35 -4.56 -10.56 -4.87
N PHE C 36 -5.59 -11.34 -5.24
CA PHE C 36 -5.36 -12.73 -5.54
C PHE C 36 -4.45 -12.87 -6.76
N PHE C 37 -4.69 -12.11 -7.83
CA PHE C 37 -3.90 -12.28 -9.07
C PHE C 37 -2.50 -11.70 -8.83
N PHE C 38 -2.37 -10.50 -8.27
CA PHE C 38 -1.01 -9.98 -8.01
C PHE C 38 -0.20 -10.90 -7.10
N LEU C 39 -0.80 -11.48 -6.05
CA LEU C 39 -0.05 -12.31 -5.11
C LEU C 39 0.20 -13.71 -5.67
N SER C 40 -0.52 -14.15 -6.71
CA SER C 40 -0.34 -15.48 -7.26
C SER C 40 0.78 -15.50 -8.29
N MET C 41 1.10 -14.34 -8.86
CA MET C 41 1.93 -14.28 -10.05
C MET C 41 3.24 -15.05 -9.87
N SER C 42 3.87 -14.92 -8.70
CA SER C 42 5.19 -15.48 -8.45
C SER C 42 5.21 -17.00 -8.27
N SER C 43 4.07 -17.67 -8.22
CA SER C 43 4.02 -19.11 -8.05
C SER C 43 3.98 -19.81 -9.41
N PHE C 44 4.27 -19.07 -10.48
CA PHE C 44 4.16 -19.56 -11.84
C PHE C 44 5.47 -19.30 -12.58
N GLU C 45 5.74 -20.15 -13.56
CA GLU C 45 6.87 -19.94 -14.44
C GLU C 45 6.66 -18.60 -15.15
N ARG C 46 7.77 -17.93 -15.51
CA ARG C 46 7.75 -16.61 -16.12
C ARG C 46 6.77 -16.51 -17.29
N LYS C 47 6.64 -17.58 -18.09
CA LYS C 47 5.83 -17.54 -19.30
C LYS C 47 4.34 -17.29 -19.02
N TRP C 48 3.85 -17.51 -17.80
CA TRP C 48 2.44 -17.29 -17.51
C TRP C 48 2.20 -15.94 -16.83
N ARG C 49 3.24 -15.40 -16.23
CA ARG C 49 3.05 -14.29 -15.32
C ARG C 49 2.39 -13.08 -15.93
N THR C 50 2.66 -12.76 -17.20
CA THR C 50 2.09 -11.54 -17.76
C THR C 50 0.58 -11.66 -17.90
N SER C 51 0.08 -12.80 -18.41
CA SER C 51 -1.36 -12.99 -18.50
C SER C 51 -2.02 -12.82 -17.13
N ILE C 52 -1.34 -13.25 -16.06
CA ILE C 52 -1.96 -13.12 -14.74
C ILE C 52 -1.89 -11.69 -14.26
N LEU C 53 -0.73 -11.04 -14.43
CA LEU C 53 -0.59 -9.66 -14.03
C LEU C 53 -1.67 -8.78 -14.67
N VAL C 54 -1.89 -8.94 -15.98
CA VAL C 54 -2.92 -8.16 -16.66
C VAL C 54 -4.33 -8.45 -16.13
N SER C 55 -4.65 -9.73 -15.82
CA SER C 55 -5.90 -10.01 -15.13
C SER C 55 -6.04 -9.20 -13.83
N GLY C 56 -4.95 -9.09 -13.08
CA GLY C 56 -4.96 -8.22 -11.92
C GLY C 56 -5.13 -6.73 -12.21
N LEU C 57 -4.46 -6.20 -13.25
CA LEU C 57 -4.69 -4.82 -13.61
C LEU C 57 -6.15 -4.52 -13.91
N ILE C 58 -6.80 -5.39 -14.69
CA ILE C 58 -8.22 -5.26 -14.96
C ILE C 58 -9.02 -5.13 -13.66
N THR C 59 -8.91 -6.07 -12.72
CA THR C 59 -9.68 -5.88 -11.50
C THR C 59 -9.16 -4.73 -10.64
N PHE C 60 -7.89 -4.31 -10.78
CA PHE C 60 -7.40 -3.19 -9.96
C PHE C 60 -8.04 -1.87 -10.36
N ILE C 61 -8.09 -1.62 -11.69
CA ILE C 61 -8.73 -0.41 -12.20
C ILE C 61 -10.17 -0.37 -11.73
N ALA C 62 -10.91 -1.48 -11.95
CA ALA C 62 -12.31 -1.59 -11.51
C ALA C 62 -12.47 -1.42 -9.99
N ALA C 63 -11.64 -2.05 -9.17
CA ALA C 63 -11.76 -1.80 -7.73
C ALA C 63 -11.68 -0.32 -7.38
N VAL C 64 -10.67 0.37 -7.94
CA VAL C 64 -10.49 1.77 -7.57
C VAL C 64 -11.64 2.62 -8.12
N HIS C 65 -12.09 2.38 -9.35
CA HIS C 65 -13.22 3.17 -9.84
C HIS C 65 -14.51 2.81 -9.10
N TYR C 66 -14.73 1.54 -8.75
CA TYR C 66 -15.92 1.18 -7.96
C TYR C 66 -15.90 1.87 -6.60
N TRP C 67 -14.72 2.11 -6.02
CA TRP C 67 -14.66 2.85 -4.78
C TRP C 67 -15.25 4.24 -4.93
N TYR C 68 -14.85 4.95 -5.98
CA TYR C 68 -15.38 6.30 -6.21
C TYR C 68 -16.88 6.21 -6.52
N MET C 69 -17.31 5.31 -7.40
CA MET C 69 -18.73 5.25 -7.71
C MET C 69 -19.60 4.93 -6.50
N ARG C 70 -19.13 4.02 -5.63
CA ARG C 70 -19.82 3.67 -4.39
C ARG C 70 -20.04 4.89 -3.50
N ASP C 71 -19.00 5.73 -3.37
CA ASP C 71 -19.13 6.92 -2.58
C ASP C 71 -20.10 7.89 -3.20
N TYR C 72 -19.99 8.04 -4.51
CA TYR C 72 -20.85 9.01 -5.17
C TYR C 72 -22.31 8.60 -5.04
N TRP C 73 -22.59 7.31 -5.15
CA TRP C 73 -23.97 6.85 -4.95
C TRP C 73 -24.45 7.10 -3.52
N SER C 74 -23.60 6.87 -2.52
CA SER C 74 -23.93 7.21 -1.14
C SER C 74 -24.33 8.69 -1.01
N GLY C 75 -23.60 9.58 -1.67
CA GLY C 75 -23.90 11.00 -1.61
C GLY C 75 -25.20 11.39 -2.33
N PHE C 76 -25.28 11.09 -3.64
CA PHE C 76 -26.28 11.66 -4.50
C PHE C 76 -27.37 10.68 -4.95
N ALA C 77 -27.19 9.40 -4.71
CA ALA C 77 -28.13 8.40 -5.21
C ALA C 77 -28.29 8.48 -6.74
N GLU C 78 -27.19 8.77 -7.43
CA GLU C 78 -27.14 8.74 -8.88
C GLU C 78 -25.89 8.01 -9.36
N SER C 79 -26.02 7.29 -10.48
CA SER C 79 -24.87 6.72 -11.12
C SER C 79 -24.99 6.97 -12.61
N PRO C 80 -24.49 8.11 -13.12
CA PRO C 80 -24.51 8.39 -14.56
C PRO C 80 -23.68 7.39 -15.37
N VAL C 81 -24.29 6.86 -16.44
CA VAL C 81 -23.71 5.76 -17.17
C VAL C 81 -22.36 6.21 -17.73
N PHE C 82 -22.26 7.47 -18.18
CA PHE C 82 -21.04 7.92 -18.83
C PHE C 82 -19.87 7.77 -17.88
N PHE C 83 -20.10 7.86 -16.57
CA PHE C 83 -19.01 7.77 -15.64
C PHE C 83 -18.44 6.36 -15.55
N ARG C 84 -19.24 5.35 -15.93
CA ARG C 84 -18.71 4.00 -15.96
C ARG C 84 -17.64 3.86 -17.04
N TYR C 85 -17.68 4.68 -18.08
CA TYR C 85 -16.73 4.56 -19.17
C TYR C 85 -15.32 4.89 -18.76
N VAL C 86 -15.12 5.60 -17.63
CA VAL C 86 -13.78 5.83 -17.10
C VAL C 86 -13.04 4.52 -16.96
N ASP C 87 -13.72 3.48 -16.45
CA ASP C 87 -13.10 2.16 -16.32
C ASP C 87 -13.13 1.40 -17.65
N TRP C 88 -14.29 1.30 -18.30
CA TRP C 88 -14.42 0.50 -19.52
C TRP C 88 -13.40 0.87 -20.61
N VAL C 89 -13.08 2.16 -20.80
CA VAL C 89 -12.12 2.52 -21.83
C VAL C 89 -10.73 1.92 -21.54
N LEU C 90 -10.39 1.62 -20.27
CA LEU C 90 -9.10 0.99 -20.00
C LEU C 90 -9.24 -0.53 -19.93
N THR C 91 -10.28 -1.05 -19.26
CA THR C 91 -10.32 -2.48 -18.99
C THR C 91 -10.72 -3.27 -20.23
N VAL C 92 -11.60 -2.76 -21.11
CA VAL C 92 -12.01 -3.59 -22.24
C VAL C 92 -10.85 -3.86 -23.21
N PRO C 93 -9.98 -2.89 -23.55
CA PRO C 93 -8.74 -3.20 -24.26
C PRO C 93 -7.82 -4.17 -23.54
N LEU C 94 -7.64 -4.04 -22.22
CA LEU C 94 -6.81 -5.02 -21.51
C LEU C 94 -7.42 -6.40 -21.64
N MET C 95 -8.74 -6.54 -21.53
CA MET C 95 -9.34 -7.87 -21.72
C MET C 95 -9.06 -8.39 -23.12
N CYS C 96 -9.18 -7.55 -24.16
CA CYS C 96 -8.87 -7.96 -25.52
C CYS C 96 -7.40 -8.39 -25.72
N VAL C 97 -6.47 -7.72 -25.02
CA VAL C 97 -5.07 -8.12 -25.05
C VAL C 97 -4.87 -9.54 -24.50
N GLU C 98 -5.69 -9.96 -23.53
CA GLU C 98 -5.57 -11.33 -23.02
C GLU C 98 -5.71 -12.37 -24.14
N PHE C 99 -6.49 -12.14 -25.22
CA PHE C 99 -6.49 -13.10 -26.31
C PHE C 99 -5.09 -13.25 -26.91
N TYR C 100 -4.36 -12.15 -27.03
CA TYR C 100 -3.01 -12.23 -27.55
C TYR C 100 -2.12 -13.00 -26.59
N LEU C 101 -2.18 -12.66 -25.30
CA LEU C 101 -1.28 -13.30 -24.31
C LEU C 101 -1.50 -14.81 -24.25
N ILE C 102 -2.75 -15.30 -24.28
CA ILE C 102 -2.95 -16.75 -24.22
C ILE C 102 -2.68 -17.47 -25.56
N LEU C 103 -2.55 -16.77 -26.68
CA LEU C 103 -2.31 -17.45 -27.95
C LEU C 103 -0.90 -17.22 -28.47
N LYS C 104 -0.09 -16.48 -27.72
CA LYS C 104 1.25 -16.14 -28.16
C LYS C 104 2.09 -17.41 -28.35
N VAL C 105 1.84 -18.45 -27.54
CA VAL C 105 2.58 -19.70 -27.62
C VAL C 105 2.15 -20.45 -28.88
N ALA C 106 0.88 -20.31 -29.23
CA ALA C 106 0.33 -20.99 -30.39
C ALA C 106 0.69 -20.26 -31.69
N GLY C 107 1.44 -19.17 -31.59
CA GLY C 107 1.97 -18.49 -32.76
C GLY C 107 1.20 -17.23 -33.18
N ALA C 108 0.47 -16.61 -32.25
CA ALA C 108 -0.13 -15.31 -32.55
C ALA C 108 0.97 -14.28 -32.72
N LYS C 109 0.71 -13.31 -33.60
CA LYS C 109 1.67 -12.26 -33.94
C LYS C 109 1.12 -10.92 -33.46
N LYS C 110 2.02 -9.93 -33.26
CA LYS C 110 1.61 -8.65 -32.73
C LYS C 110 0.50 -8.00 -33.55
N SER C 111 0.43 -8.35 -34.84
CA SER C 111 -0.64 -7.91 -35.70
C SER C 111 -1.99 -8.16 -35.01
N LEU C 112 -2.12 -9.32 -34.36
CA LEU C 112 -3.38 -9.67 -33.73
C LEU C 112 -3.61 -8.73 -32.55
N MET C 113 -2.56 -8.52 -31.76
CA MET C 113 -2.65 -7.62 -30.60
C MET C 113 -3.16 -6.24 -31.01
N TRP C 114 -2.52 -5.66 -32.03
CA TRP C 114 -2.89 -4.33 -32.50
C TRP C 114 -4.31 -4.30 -33.04
N LYS C 115 -4.70 -5.31 -33.84
CA LYS C 115 -6.07 -5.38 -34.31
C LYS C 115 -7.03 -5.31 -33.13
N LEU C 116 -6.81 -6.16 -32.11
CA LEU C 116 -7.76 -6.22 -31.00
C LEU C 116 -7.76 -4.91 -30.24
N ILE C 117 -6.57 -4.34 -29.99
CA ILE C 117 -6.54 -3.08 -29.27
C ILE C 117 -7.32 -2.02 -30.04
N PHE C 118 -7.05 -1.90 -31.35
CA PHE C 118 -7.74 -0.91 -32.18
C PHE C 118 -9.27 -1.10 -32.13
N LEU C 119 -9.76 -2.31 -32.36
CA LEU C 119 -11.21 -2.50 -32.37
C LEU C 119 -11.80 -2.18 -31.00
N SER C 120 -11.16 -2.64 -29.92
CA SER C 120 -11.74 -2.42 -28.60
C SER C 120 -11.82 -0.92 -28.29
N VAL C 121 -10.73 -0.18 -28.60
CA VAL C 121 -10.71 1.25 -28.34
C VAL C 121 -11.75 1.98 -29.18
N VAL C 122 -11.84 1.67 -30.48
CA VAL C 122 -12.89 2.27 -31.29
C VAL C 122 -14.25 1.98 -30.64
N MET C 123 -14.52 0.72 -30.34
CA MET C 123 -15.80 0.40 -29.70
C MET C 123 -16.08 1.29 -28.51
N LEU C 124 -15.12 1.44 -27.57
CA LEU C 124 -15.44 2.16 -26.34
C LEU C 124 -15.55 3.67 -26.56
N VAL C 125 -14.67 4.24 -27.38
CA VAL C 125 -14.70 5.67 -27.60
C VAL C 125 -15.94 6.08 -28.41
N THR C 126 -16.26 5.37 -29.50
CA THR C 126 -17.53 5.68 -30.17
C THR C 126 -18.73 5.55 -29.20
N GLY C 127 -18.71 4.53 -28.34
CA GLY C 127 -19.77 4.41 -27.34
C GLY C 127 -19.87 5.64 -26.44
N TYR C 128 -18.71 6.17 -26.00
CA TYR C 128 -18.72 7.34 -25.14
C TYR C 128 -19.22 8.59 -25.88
N PHE C 129 -18.82 8.78 -27.15
CA PHE C 129 -19.36 9.89 -27.95
C PHE C 129 -20.88 9.81 -28.03
N GLY C 130 -21.42 8.61 -28.31
CA GLY C 130 -22.87 8.45 -28.32
C GLY C 130 -23.51 8.81 -26.97
N GLU C 131 -22.85 8.48 -25.86
CA GLU C 131 -23.46 8.60 -24.55
C GLU C 131 -23.33 9.99 -23.92
N ALA C 132 -22.28 10.73 -24.26
CA ALA C 132 -21.86 11.88 -23.47
C ALA C 132 -21.62 13.14 -24.30
N VAL C 133 -21.07 13.03 -25.51
CA VAL C 133 -20.70 14.21 -26.27
C VAL C 133 -21.76 14.54 -27.31
N ASP C 134 -22.38 13.54 -27.93
CA ASP C 134 -23.27 13.77 -29.07
C ASP C 134 -24.49 12.84 -29.04
N ARG C 135 -25.40 13.08 -28.08
CA ARG C 135 -26.50 12.16 -27.86
C ARG C 135 -27.56 12.30 -28.94
N GLY C 136 -27.52 13.41 -29.69
CA GLY C 136 -28.39 13.56 -30.85
C GLY C 136 -28.20 12.40 -31.83
N ASN C 137 -26.95 11.99 -32.02
CA ASN C 137 -26.59 10.98 -33.00
C ASN C 137 -26.18 9.67 -32.32
N ALA C 138 -26.87 9.35 -31.21
CA ALA C 138 -26.53 8.20 -30.39
C ALA C 138 -26.67 6.88 -31.16
N TRP C 139 -27.67 6.82 -32.05
CA TRP C 139 -27.90 5.62 -32.85
C TRP C 139 -26.74 5.41 -33.81
N LEU C 140 -26.19 6.49 -34.37
CA LEU C 140 -25.11 6.37 -35.33
C LEU C 140 -23.85 5.93 -34.61
N TRP C 141 -23.52 6.61 -33.50
CA TRP C 141 -22.39 6.20 -32.70
C TRP C 141 -22.58 4.76 -32.21
N GLY C 142 -23.82 4.45 -31.78
CA GLY C 142 -24.12 3.07 -31.42
C GLY C 142 -23.69 2.09 -32.51
N LEU C 143 -24.08 2.42 -33.74
CA LEU C 143 -23.87 1.54 -34.87
C LEU C 143 -22.38 1.36 -35.13
N PHE C 144 -21.60 2.45 -35.13
CA PHE C 144 -20.13 2.31 -35.22
C PHE C 144 -19.60 1.41 -34.09
N SER C 145 -20.04 1.61 -32.85
CA SER C 145 -19.58 0.74 -31.78
C SER C 145 -19.98 -0.70 -32.08
N GLY C 146 -21.27 -0.88 -32.47
CA GLY C 146 -21.82 -2.19 -32.80
C GLY C 146 -20.97 -2.95 -33.82
N VAL C 147 -20.49 -2.23 -34.84
CA VAL C 147 -19.72 -2.88 -35.88
C VAL C 147 -18.37 -3.31 -35.33
N ALA C 148 -17.72 -2.45 -34.52
CA ALA C 148 -16.48 -2.87 -33.88
C ALA C 148 -16.74 -4.11 -33.00
N TYR C 149 -17.80 -4.11 -32.22
CA TYR C 149 -18.09 -5.31 -31.46
C TYR C 149 -18.17 -6.53 -32.36
N PHE C 150 -18.96 -6.43 -33.45
CA PHE C 150 -19.17 -7.59 -34.32
C PHE C 150 -17.85 -8.13 -34.88
N TRP C 151 -16.97 -7.20 -35.27
CA TRP C 151 -15.67 -7.61 -35.75
C TRP C 151 -14.89 -8.37 -34.68
N ILE C 152 -14.93 -7.89 -33.44
CA ILE C 152 -14.21 -8.61 -32.40
C ILE C 152 -14.80 -10.01 -32.27
N VAL C 153 -16.12 -10.08 -32.10
CA VAL C 153 -16.74 -11.39 -32.00
C VAL C 153 -16.35 -12.27 -33.18
N ILE C 154 -16.39 -11.77 -34.42
CA ILE C 154 -16.09 -12.65 -35.55
C ILE C 154 -14.65 -13.09 -35.47
N GLU C 155 -13.73 -12.19 -35.10
CA GLU C 155 -12.33 -12.56 -35.05
C GLU C 155 -12.11 -13.76 -34.13
N ILE C 156 -12.67 -13.73 -32.91
CA ILE C 156 -12.34 -14.76 -31.92
C ILE C 156 -13.15 -16.03 -32.15
N TRP C 157 -14.40 -15.94 -32.61
CA TRP C 157 -15.15 -17.16 -32.89
C TRP C 157 -14.77 -17.87 -34.19
N PHE C 158 -14.36 -17.14 -35.23
CA PHE C 158 -14.15 -17.75 -36.54
C PHE C 158 -12.84 -17.36 -37.20
N GLY C 159 -12.26 -16.22 -36.79
CA GLY C 159 -11.13 -15.64 -37.49
C GLY C 159 -9.83 -16.34 -37.15
N LYS C 160 -8.73 -15.59 -37.29
CA LYS C 160 -7.39 -16.11 -37.10
C LYS C 160 -7.22 -16.61 -35.67
N ALA C 161 -7.73 -15.83 -34.70
CA ALA C 161 -7.53 -16.18 -33.30
C ALA C 161 -8.11 -17.56 -33.06
N LYS C 162 -9.27 -17.84 -33.67
CA LYS C 162 -9.90 -19.14 -33.48
C LYS C 162 -9.04 -20.23 -34.10
N LYS C 163 -8.49 -19.97 -35.27
CA LYS C 163 -7.65 -20.98 -35.93
C LYS C 163 -6.43 -21.29 -35.08
N LEU C 164 -5.77 -20.25 -34.53
CA LEU C 164 -4.63 -20.48 -33.65
C LEU C 164 -5.02 -21.35 -32.45
N ALA C 165 -6.12 -21.00 -31.79
CA ALA C 165 -6.56 -21.77 -30.64
C ALA C 165 -6.75 -23.22 -31.04
N VAL C 166 -7.40 -23.45 -32.19
CA VAL C 166 -7.79 -24.79 -32.58
C VAL C 166 -6.54 -25.63 -32.85
N ALA C 167 -5.53 -24.99 -33.45
CA ALA C 167 -4.27 -25.67 -33.75
C ALA C 167 -3.57 -26.10 -32.47
N ALA C 168 -3.49 -25.19 -31.49
CA ALA C 168 -2.87 -25.47 -30.20
C ALA C 168 -3.56 -26.66 -29.54
N GLY C 169 -4.88 -26.66 -29.55
CA GLY C 169 -5.68 -27.65 -28.85
C GLY C 169 -5.43 -27.61 -27.33
N GLY C 170 -6.07 -28.53 -26.62
CA GLY C 170 -5.78 -28.74 -25.22
C GLY C 170 -6.38 -27.65 -24.34
N ASP C 171 -5.63 -27.31 -23.29
CA ASP C 171 -6.05 -26.35 -22.28
C ASP C 171 -6.32 -24.99 -22.92
N VAL C 172 -5.43 -24.56 -23.83
CA VAL C 172 -5.57 -23.31 -24.55
C VAL C 172 -6.91 -23.24 -25.29
N LEU C 173 -7.22 -24.26 -26.10
CA LEU C 173 -8.47 -24.21 -26.84
C LEU C 173 -9.61 -24.07 -25.85
N ALA C 174 -9.57 -24.88 -24.78
CA ALA C 174 -10.60 -24.81 -23.76
C ALA C 174 -10.76 -23.39 -23.20
N ALA C 175 -9.65 -22.78 -22.75
CA ALA C 175 -9.68 -21.41 -22.27
C ALA C 175 -10.24 -20.46 -23.31
N HIS C 176 -9.74 -20.55 -24.55
CA HIS C 176 -10.22 -19.69 -25.63
C HIS C 176 -11.74 -19.79 -25.76
N LYS C 177 -12.29 -20.99 -25.80
CA LYS C 177 -13.73 -21.12 -25.98
C LYS C 177 -14.49 -20.49 -24.82
N THR C 178 -14.02 -20.70 -23.58
CA THR C 178 -14.74 -20.08 -22.47
C THR C 178 -14.73 -18.56 -22.58
N LEU C 179 -13.54 -17.95 -22.81
CA LEU C 179 -13.45 -16.52 -23.05
C LEU C 179 -14.40 -16.11 -24.18
N CYS C 180 -14.52 -16.90 -25.26
CA CYS C 180 -15.46 -16.51 -26.31
C CYS C 180 -16.89 -16.44 -25.81
N TRP C 181 -17.31 -17.34 -24.92
CA TRP C 181 -18.64 -17.22 -24.34
C TRP C 181 -18.78 -15.96 -23.49
N PHE C 182 -17.81 -15.65 -22.62
CA PHE C 182 -17.87 -14.40 -21.87
C PHE C 182 -18.02 -13.18 -22.80
N VAL C 183 -17.26 -13.12 -23.88
CA VAL C 183 -17.42 -11.99 -24.79
C VAL C 183 -18.81 -12.04 -25.43
N LEU C 184 -19.27 -13.18 -25.92
CA LEU C 184 -20.57 -13.22 -26.62
C LEU C 184 -21.72 -12.93 -25.67
N VAL C 185 -21.76 -13.63 -24.52
CA VAL C 185 -22.93 -13.55 -23.67
C VAL C 185 -22.70 -12.55 -22.55
N GLY C 186 -21.56 -12.63 -21.88
CA GLY C 186 -21.32 -11.75 -20.75
C GLY C 186 -21.28 -10.29 -21.16
N TRP C 187 -20.67 -9.96 -22.31
CA TRP C 187 -20.60 -8.56 -22.73
C TRP C 187 -21.90 -8.01 -23.31
N ALA C 188 -22.87 -8.85 -23.66
CA ALA C 188 -24.10 -8.39 -24.30
C ALA C 188 -24.88 -7.39 -23.44
N ILE C 189 -24.73 -7.42 -22.11
CA ILE C 189 -25.48 -6.50 -21.26
C ILE C 189 -25.13 -5.04 -21.60
N TYR C 190 -23.91 -4.75 -22.05
CA TYR C 190 -23.53 -3.37 -22.26
C TYR C 190 -24.25 -2.74 -23.46
N PRO C 191 -24.16 -3.29 -24.69
CA PRO C 191 -25.01 -2.81 -25.78
C PRO C 191 -26.49 -2.73 -25.44
N ILE C 192 -27.00 -3.70 -24.65
CA ILE C 192 -28.41 -3.65 -24.27
C ILE C 192 -28.71 -2.42 -23.41
N GLY C 193 -27.90 -2.19 -22.38
CA GLY C 193 -28.13 -1.03 -21.54
C GLY C 193 -28.00 0.27 -22.32
N TYR C 194 -27.11 0.31 -23.32
CA TYR C 194 -26.97 1.50 -24.13
C TYR C 194 -28.28 1.82 -24.85
N MET C 195 -28.88 0.78 -25.45
CA MET C 195 -30.13 0.94 -26.17
C MET C 195 -31.26 1.31 -25.20
N ALA C 196 -31.17 0.83 -23.96
CA ALA C 196 -32.21 1.11 -22.99
C ALA C 196 -32.15 2.57 -22.53
N GLY C 197 -30.95 3.16 -22.54
CA GLY C 197 -30.72 4.45 -21.90
C GLY C 197 -30.68 5.62 -22.88
N THR C 198 -30.48 5.35 -24.17
CA THR C 198 -30.30 6.43 -25.14
C THR C 198 -31.57 6.56 -25.99
N PRO C 199 -31.84 7.77 -26.55
CA PRO C 199 -32.89 7.95 -27.53
C PRO C 199 -32.47 7.48 -28.93
N GLY C 200 -33.35 6.74 -29.60
CA GLY C 200 -33.07 6.27 -30.94
C GLY C 200 -34.32 5.64 -31.57
N TRP C 201 -34.09 4.54 -32.31
CA TRP C 201 -35.17 3.78 -32.92
C TRP C 201 -35.53 2.58 -32.03
N TYR C 202 -34.85 2.48 -30.89
CA TYR C 202 -34.98 1.38 -29.93
C TYR C 202 -35.58 1.97 -28.64
N ASP C 203 -36.71 1.42 -28.18
CA ASP C 203 -37.26 1.78 -26.87
C ASP C 203 -37.35 0.50 -26.03
N SER C 204 -36.26 -0.27 -26.04
CA SER C 204 -36.20 -1.55 -25.35
C SER C 204 -36.53 -1.43 -23.86
N ILE C 205 -37.60 -2.11 -23.46
CA ILE C 205 -38.21 -1.93 -22.15
C ILE C 205 -37.35 -2.61 -21.09
N PHE C 206 -37.02 -3.89 -21.31
CA PHE C 206 -36.15 -4.65 -20.41
C PHE C 206 -36.44 -4.24 -18.98
N GLY C 207 -37.72 -4.36 -18.58
CA GLY C 207 -38.19 -3.78 -17.34
C GLY C 207 -38.09 -4.75 -16.16
N GLY C 208 -38.40 -4.20 -14.97
CA GLY C 208 -38.44 -4.94 -13.72
C GLY C 208 -37.13 -4.77 -12.94
N TRP C 209 -36.01 -4.76 -13.65
CA TRP C 209 -34.67 -4.85 -13.07
C TRP C 209 -33.94 -3.52 -13.27
N ASP C 210 -33.15 -3.11 -12.26
CA ASP C 210 -32.40 -1.86 -12.27
C ASP C 210 -31.06 -2.05 -12.97
N LEU C 211 -30.91 -1.36 -14.10
CA LEU C 211 -29.69 -1.46 -14.88
C LEU C 211 -28.44 -1.37 -13.98
N ASN C 212 -28.52 -0.50 -12.99
CA ASN C 212 -27.40 -0.34 -12.06
C ASN C 212 -27.05 -1.63 -11.34
N VAL C 213 -28.05 -2.38 -10.86
CA VAL C 213 -27.79 -3.67 -10.23
C VAL C 213 -27.12 -4.62 -11.25
N ILE C 214 -27.63 -4.64 -12.48
CA ILE C 214 -27.10 -5.52 -13.52
C ILE C 214 -25.67 -5.09 -13.88
N TYR C 215 -25.43 -3.79 -14.06
CA TYR C 215 -24.05 -3.33 -14.25
C TYR C 215 -23.16 -3.78 -13.09
N ASN C 216 -23.59 -3.59 -11.83
CA ASN C 216 -22.67 -3.85 -10.72
C ASN C 216 -22.36 -5.34 -10.61
N ILE C 217 -23.36 -6.20 -10.84
CA ILE C 217 -23.12 -7.63 -10.72
C ILE C 217 -22.39 -8.14 -11.97
N GLY C 218 -22.88 -7.75 -13.15
CA GLY C 218 -22.23 -8.07 -14.42
C GLY C 218 -20.74 -7.66 -14.47
N ASP C 219 -20.37 -6.45 -14.04
CA ASP C 219 -18.96 -6.09 -14.05
C ASP C 219 -18.13 -7.10 -13.26
N ALA C 220 -18.56 -7.41 -12.03
CA ALA C 220 -17.76 -8.30 -11.20
C ALA C 220 -17.65 -9.67 -11.85
N ILE C 221 -18.77 -10.21 -12.35
CA ILE C 221 -18.71 -11.50 -12.95
C ILE C 221 -17.84 -11.48 -14.21
N ASN C 222 -18.05 -10.48 -15.07
CA ASN C 222 -17.27 -10.35 -16.30
C ASN C 222 -15.77 -10.26 -15.97
N LYS C 223 -15.36 -9.35 -15.10
CA LYS C 223 -13.93 -9.15 -14.85
C LYS C 223 -13.29 -10.27 -14.04
N ILE C 224 -13.92 -10.74 -12.95
CA ILE C 224 -13.30 -11.80 -12.19
C ILE C 224 -13.36 -13.13 -12.96
N GLY C 225 -14.47 -13.37 -13.69
CA GLY C 225 -14.59 -14.58 -14.50
C GLY C 225 -13.50 -14.70 -15.56
N PHE C 226 -13.26 -13.60 -16.29
CA PHE C 226 -12.19 -13.61 -17.27
C PHE C 226 -10.87 -14.01 -16.62
N GLY C 227 -10.54 -13.38 -15.50
CA GLY C 227 -9.26 -13.66 -14.87
C GLY C 227 -9.15 -15.06 -14.33
N LEU C 228 -10.24 -15.59 -13.74
CA LEU C 228 -10.25 -16.98 -13.27
C LEU C 228 -10.09 -17.98 -14.39
N VAL C 229 -10.51 -17.67 -15.62
CA VAL C 229 -10.27 -18.58 -16.73
C VAL C 229 -8.80 -18.52 -17.12
N ILE C 230 -8.21 -17.31 -17.14
CA ILE C 230 -6.78 -17.23 -17.44
C ILE C 230 -5.98 -17.94 -16.32
N TYR C 231 -6.32 -17.68 -15.08
CA TYR C 231 -5.64 -18.35 -14.00
C TYR C 231 -5.75 -19.85 -14.09
N ASN C 232 -6.95 -20.35 -14.37
CA ASN C 232 -7.16 -21.77 -14.54
C ASN C 232 -6.29 -22.37 -15.65
N LEU C 233 -6.03 -21.60 -16.73
CA LEU C 233 -5.18 -22.09 -17.81
C LEU C 233 -3.75 -22.26 -17.34
N ALA C 234 -3.21 -21.27 -16.63
CA ALA C 234 -1.86 -21.40 -16.08
C ALA C 234 -1.73 -22.61 -15.15
N VAL C 235 -2.75 -22.84 -14.31
CA VAL C 235 -2.72 -23.95 -13.37
C VAL C 235 -2.76 -25.29 -14.13
N GLN C 236 -3.71 -25.46 -15.03
CA GLN C 236 -3.77 -26.68 -15.82
C GLN C 236 -2.44 -26.97 -16.52
N ALA C 237 -1.83 -25.94 -17.10
CA ALA C 237 -0.64 -26.15 -17.91
C ALA C 237 0.54 -26.53 -17.02
N THR C 238 0.65 -25.86 -15.88
CA THR C 238 1.72 -26.07 -14.93
C THR C 238 1.71 -27.49 -14.37
N ASN C 239 0.51 -28.07 -14.20
CA ASN C 239 0.32 -29.37 -13.58
C ASN C 239 0.68 -30.50 -14.56
N LYS C 240 1.09 -30.13 -15.78
CA LYS C 240 1.52 -31.11 -16.76
C LYS C 240 2.82 -30.65 -17.44
N VAL D 11 -17.75 13.37 17.84
CA VAL D 11 -17.59 11.88 17.90
C VAL D 11 -16.48 11.55 18.90
N ARG D 12 -16.75 11.95 20.14
CA ARG D 12 -15.96 11.55 21.29
C ARG D 12 -16.18 10.05 21.54
N LEU D 13 -15.10 9.36 21.93
CA LEU D 13 -15.17 8.00 22.42
C LEU D 13 -15.67 7.96 23.86
N ALA D 14 -16.45 6.92 24.17
CA ALA D 14 -16.95 6.70 25.51
C ALA D 14 -16.47 5.34 26.01
N ALA D 15 -16.08 5.29 27.28
CA ALA D 15 -15.51 4.10 27.88
C ALA D 15 -16.52 2.96 27.95
N ASP D 16 -17.80 3.27 28.04
CA ASP D 16 -18.85 2.26 28.13
C ASP D 16 -19.34 1.79 26.76
N ASP D 17 -18.80 2.32 25.66
CA ASP D 17 -19.18 1.86 24.35
C ASP D 17 -18.40 0.60 23.96
N TYR D 18 -18.89 -0.56 24.42
CA TYR D 18 -18.22 -1.83 24.17
C TYR D 18 -18.36 -2.26 22.71
N VAL D 19 -19.45 -1.84 22.05
CA VAL D 19 -19.58 -2.15 20.65
C VAL D 19 -18.50 -1.37 19.91
N GLY D 20 -18.36 -0.09 20.26
CA GLY D 20 -17.33 0.72 19.66
C GLY D 20 -15.97 0.07 19.79
N PHE D 21 -15.65 -0.38 21.00
CA PHE D 21 -14.33 -0.91 21.27
C PHE D 21 -14.03 -2.12 20.39
N THR D 22 -15.02 -3.01 20.26
CA THR D 22 -14.87 -4.25 19.53
C THR D 22 -14.82 -4.01 18.04
N PHE D 23 -15.39 -2.92 17.53
CA PHE D 23 -15.15 -2.59 16.14
C PHE D 23 -13.70 -2.21 15.91
N PHE D 24 -13.09 -1.41 16.80
CA PHE D 24 -11.69 -1.00 16.63
C PHE D 24 -10.72 -2.19 16.77
N VAL D 25 -11.00 -3.09 17.68
CA VAL D 25 -10.13 -4.24 17.89
C VAL D 25 -10.23 -5.16 16.67
N GLY D 26 -11.47 -5.45 16.25
CA GLY D 26 -11.72 -6.35 15.13
C GLY D 26 -11.07 -5.83 13.85
N CYS D 27 -11.24 -4.56 13.58
CA CYS D 27 -10.55 -3.99 12.44
C CYS D 27 -9.05 -4.22 12.52
N MET D 28 -8.40 -3.93 13.67
CA MET D 28 -6.94 -4.07 13.79
C MET D 28 -6.49 -5.53 13.71
N ALA D 29 -7.25 -6.45 14.32
CA ALA D 29 -6.87 -7.85 14.30
C ALA D 29 -6.97 -8.40 12.87
N MET D 30 -8.02 -8.06 12.12
CA MET D 30 -8.14 -8.57 10.76
C MET D 30 -7.03 -7.97 9.90
N MET D 31 -6.76 -6.68 10.05
CA MET D 31 -5.68 -6.06 9.30
C MET D 31 -4.34 -6.75 9.55
N ALA D 32 -4.07 -7.11 10.79
CA ALA D 32 -2.80 -7.76 11.13
C ALA D 32 -2.74 -9.18 10.61
N ALA D 33 -3.85 -9.93 10.77
CA ALA D 33 -3.96 -11.25 10.21
C ALA D 33 -3.77 -11.23 8.68
N SER D 34 -4.35 -10.26 8.00
CA SER D 34 -4.14 -10.22 6.56
C SER D 34 -2.66 -10.08 6.26
N ALA D 35 -1.95 -9.20 6.99
CA ALA D 35 -0.53 -8.99 6.72
C ALA D 35 0.26 -10.25 7.04
N PHE D 36 -0.15 -10.97 8.11
CA PHE D 36 0.61 -12.14 8.49
C PHE D 36 0.52 -13.21 7.41
N PHE D 37 -0.67 -13.46 6.85
CA PHE D 37 -0.84 -14.52 5.85
C PHE D 37 -0.20 -14.08 4.53
N PHE D 38 -0.47 -12.87 4.06
CA PHE D 38 0.20 -12.43 2.82
C PHE D 38 1.72 -12.49 2.92
N LEU D 39 2.31 -12.05 4.03
CA LEU D 39 3.76 -11.98 4.11
C LEU D 39 4.37 -13.35 4.45
N SER D 40 3.58 -14.34 4.88
CA SER D 40 4.13 -15.65 5.17
C SER D 40 4.21 -16.53 3.93
N MET D 41 3.43 -16.20 2.91
CA MET D 41 3.18 -17.10 1.80
C MET D 41 4.49 -17.60 1.19
N SER D 42 5.48 -16.72 1.05
CA SER D 42 6.71 -17.03 0.34
C SER D 42 7.65 -17.97 1.11
N SER D 43 7.37 -18.29 2.35
CA SER D 43 8.23 -19.16 3.14
C SER D 43 7.80 -20.61 3.00
N PHE D 44 6.90 -20.89 2.05
CA PHE D 44 6.30 -22.21 1.89
C PHE D 44 6.48 -22.68 0.45
N GLU D 45 6.55 -24.00 0.28
CA GLU D 45 6.58 -24.58 -1.05
C GLU D 45 5.29 -24.19 -1.75
N ARG D 46 5.33 -24.11 -3.07
CA ARG D 46 4.23 -23.66 -3.91
C ARG D 46 2.93 -24.37 -3.57
N LYS D 47 2.99 -25.67 -3.24
CA LYS D 47 1.78 -26.44 -3.00
C LYS D 47 0.92 -25.94 -1.84
N TRP D 48 1.47 -25.15 -0.91
CA TRP D 48 0.67 -24.66 0.21
C TRP D 48 0.19 -23.23 -0.02
N ARG D 49 0.90 -22.51 -0.88
CA ARG D 49 0.70 -21.08 -0.96
C ARG D 49 -0.75 -20.66 -1.25
N THR D 50 -1.49 -21.38 -2.06
CA THR D 50 -2.86 -20.94 -2.40
C THR D 50 -3.77 -20.97 -1.18
N SER D 51 -3.73 -22.05 -0.40
CA SER D 51 -4.48 -22.13 0.85
C SER D 51 -4.17 -20.93 1.75
N ILE D 52 -2.90 -20.51 1.79
CA ILE D 52 -2.56 -19.40 2.67
C ILE D 52 -3.04 -18.09 2.08
N LEU D 53 -2.80 -17.88 0.78
CA LEU D 53 -3.27 -16.68 0.12
C LEU D 53 -4.75 -16.44 0.37
N VAL D 54 -5.57 -17.48 0.17
CA VAL D 54 -7.02 -17.34 0.38
C VAL D 54 -7.35 -17.04 1.86
N SER D 55 -6.67 -17.65 2.83
CA SER D 55 -6.83 -17.22 4.22
C SER D 55 -6.57 -15.72 4.40
N GLY D 56 -5.53 -15.20 3.74
CA GLY D 56 -5.36 -13.75 3.76
C GLY D 56 -6.48 -12.96 3.06
N LEU D 57 -6.96 -13.40 1.87
CA LEU D 57 -8.08 -12.71 1.25
C LEU D 57 -9.28 -12.59 2.20
N ILE D 58 -9.63 -13.71 2.88
CA ILE D 58 -10.72 -13.69 3.86
C ILE D 58 -10.52 -12.59 4.90
N THR D 59 -9.37 -12.53 5.58
CA THR D 59 -9.20 -11.45 6.54
C THR D 59 -9.05 -10.09 5.87
N PHE D 60 -8.56 -10.00 4.62
CA PHE D 60 -8.45 -8.68 3.99
C PHE D 60 -9.80 -8.05 3.70
N ILE D 61 -10.75 -8.85 3.16
CA ILE D 61 -12.08 -8.35 2.92
C ILE D 61 -12.69 -7.85 4.22
N ALA D 62 -12.66 -8.69 5.26
CA ALA D 62 -13.17 -8.32 6.59
C ALA D 62 -12.45 -7.08 7.15
N ALA D 63 -11.13 -6.99 7.09
CA ALA D 63 -10.47 -5.75 7.56
C ALA D 63 -11.04 -4.52 6.90
N VAL D 64 -11.18 -4.55 5.56
CA VAL D 64 -11.66 -3.34 4.86
C VAL D 64 -13.12 -3.05 5.21
N HIS D 65 -13.99 -4.08 5.27
CA HIS D 65 -15.36 -3.80 5.64
C HIS D 65 -15.46 -3.40 7.11
N TYR D 66 -14.66 -3.97 8.02
CA TYR D 66 -14.67 -3.53 9.42
C TYR D 66 -14.27 -2.08 9.54
N TRP D 67 -13.37 -1.59 8.68
CA TRP D 67 -13.01 -0.19 8.74
C TRP D 67 -14.22 0.71 8.48
N TYR D 68 -15.00 0.37 7.46
CA TYR D 68 -16.19 1.14 7.14
C TYR D 68 -17.21 1.01 8.27
N MET D 69 -17.49 -0.21 8.73
CA MET D 69 -18.46 -0.34 9.79
C MET D 69 -18.07 0.40 11.08
N ARG D 70 -16.78 0.36 11.45
CA ARG D 70 -16.28 1.08 12.62
C ARG D 70 -16.56 2.59 12.52
N ASP D 71 -16.33 3.16 11.34
CA ASP D 71 -16.58 4.59 11.17
C ASP D 71 -18.08 4.87 11.19
N TYR D 72 -18.87 3.99 10.60
CA TYR D 72 -20.29 4.21 10.57
C TYR D 72 -20.85 4.17 11.99
N TRP D 73 -20.36 3.24 12.81
CA TRP D 73 -20.80 3.21 14.21
C TRP D 73 -20.41 4.46 14.96
N SER D 74 -19.17 4.96 14.74
CA SER D 74 -18.76 6.25 15.30
C SER D 74 -19.75 7.39 14.95
N GLY D 75 -20.22 7.42 13.71
CA GLY D 75 -21.17 8.44 13.29
C GLY D 75 -22.56 8.27 13.89
N PHE D 76 -23.20 7.12 13.62
CA PHE D 76 -24.63 6.95 13.85
C PHE D 76 -24.98 6.08 15.05
N ALA D 77 -24.01 5.37 15.62
CA ALA D 77 -24.30 4.44 16.69
C ALA D 77 -25.33 3.38 16.27
N GLU D 78 -25.24 2.96 15.00
CA GLU D 78 -26.04 1.87 14.47
C GLU D 78 -25.17 0.91 13.66
N SER D 79 -25.52 -0.35 13.72
CA SER D 79 -24.90 -1.32 12.85
C SER D 79 -25.99 -2.24 12.31
N PRO D 80 -26.63 -1.88 11.17
CA PRO D 80 -27.62 -2.75 10.57
C PRO D 80 -27.05 -4.09 10.10
N VAL D 81 -27.74 -5.16 10.47
CA VAL D 81 -27.26 -6.50 10.25
C VAL D 81 -27.04 -6.72 8.75
N PHE D 82 -27.94 -6.20 7.91
CA PHE D 82 -27.87 -6.49 6.49
C PHE D 82 -26.54 -5.98 5.95
N PHE D 83 -25.97 -4.93 6.55
CA PHE D 83 -24.72 -4.41 6.03
C PHE D 83 -23.55 -5.36 6.31
N ARG D 84 -23.68 -6.26 7.28
CA ARG D 84 -22.63 -7.22 7.51
C ARG D 84 -22.53 -8.20 6.33
N TYR D 85 -23.64 -8.39 5.59
CA TYR D 85 -23.62 -9.36 4.50
C TYR D 85 -22.71 -8.94 3.36
N VAL D 86 -22.32 -7.66 3.27
CA VAL D 86 -21.32 -7.22 2.30
C VAL D 86 -20.10 -8.10 2.37
N ASP D 87 -19.63 -8.40 3.57
CA ASP D 87 -18.46 -9.24 3.73
C ASP D 87 -18.85 -10.73 3.66
N TRP D 88 -19.87 -11.16 4.43
CA TRP D 88 -20.23 -12.57 4.46
C TRP D 88 -20.47 -13.20 3.11
N VAL D 89 -21.11 -12.49 2.16
CA VAL D 89 -21.37 -13.09 0.85
C VAL D 89 -20.05 -13.41 0.13
N LEU D 90 -18.95 -12.71 0.43
CA LEU D 90 -17.67 -13.06 -0.19
C LEU D 90 -16.86 -14.02 0.67
N THR D 91 -16.78 -13.81 1.99
CA THR D 91 -15.86 -14.59 2.82
C THR D 91 -16.39 -15.99 3.06
N VAL D 92 -17.68 -16.20 3.25
CA VAL D 92 -18.13 -17.56 3.55
C VAL D 92 -17.88 -18.54 2.41
N PRO D 93 -18.13 -18.20 1.13
CA PRO D 93 -17.67 -19.05 0.03
C PRO D 93 -16.17 -19.29 -0.01
N LEU D 94 -15.36 -18.24 0.24
CA LEU D 94 -13.92 -18.45 0.27
C LEU D 94 -13.57 -19.45 1.38
N MET D 95 -14.17 -19.34 2.55
CA MET D 95 -13.89 -20.32 3.61
C MET D 95 -14.28 -21.72 3.15
N CYS D 96 -15.43 -21.90 2.49
CA CYS D 96 -15.82 -23.22 1.98
C CYS D 96 -14.83 -23.78 0.94
N VAL D 97 -14.26 -22.90 0.10
CA VAL D 97 -13.23 -23.31 -0.84
C VAL D 97 -12.00 -23.89 -0.13
N GLU D 98 -11.67 -23.38 1.06
CA GLU D 98 -10.54 -23.94 1.79
C GLU D 98 -10.68 -25.44 2.02
N PHE D 99 -11.90 -26.01 2.17
CA PHE D 99 -12.00 -27.46 2.25
C PHE D 99 -11.46 -28.12 0.98
N TYR D 100 -11.72 -27.54 -0.20
CA TYR D 100 -11.20 -28.11 -1.42
C TYR D 100 -9.67 -28.00 -1.43
N LEU D 101 -9.14 -26.81 -1.11
CA LEU D 101 -7.70 -26.60 -1.19
C LEU D 101 -6.95 -27.55 -0.25
N ILE D 102 -7.42 -27.78 0.98
CA ILE D 102 -6.70 -28.70 1.87
C ILE D 102 -6.93 -30.18 1.55
N LEU D 103 -7.90 -30.55 0.71
CA LEU D 103 -8.13 -31.97 0.41
C LEU D 103 -7.72 -32.33 -1.01
N LYS D 104 -7.17 -31.35 -1.74
CA LYS D 104 -6.82 -31.56 -3.14
C LYS D 104 -5.75 -32.65 -3.27
N VAL D 105 -4.86 -32.75 -2.29
CA VAL D 105 -3.79 -33.75 -2.31
C VAL D 105 -4.38 -35.12 -2.06
N ALA D 106 -5.41 -35.16 -1.23
CA ALA D 106 -6.06 -36.41 -0.86
C ALA D 106 -7.00 -36.90 -1.96
N GLY D 107 -7.10 -36.14 -3.05
CA GLY D 107 -7.84 -36.59 -4.22
C GLY D 107 -9.23 -35.96 -4.37
N ALA D 108 -9.46 -34.79 -3.75
CA ALA D 108 -10.69 -34.08 -4.01
C ALA D 108 -10.72 -33.60 -5.45
N LYS D 109 -11.92 -33.60 -6.04
CA LYS D 109 -12.15 -33.20 -7.42
C LYS D 109 -12.95 -31.91 -7.44
N LYS D 110 -12.86 -31.18 -8.56
CA LYS D 110 -13.52 -29.89 -8.68
C LYS D 110 -15.00 -29.97 -8.37
N SER D 111 -15.61 -31.14 -8.60
CA SER D 111 -17.00 -31.36 -8.25
C SER D 111 -17.25 -30.90 -6.81
N LEU D 112 -16.30 -31.20 -5.91
CA LEU D 112 -16.48 -30.86 -4.51
C LEU D 112 -16.44 -29.34 -4.37
N MET D 113 -15.46 -28.71 -5.04
CA MET D 113 -15.33 -27.26 -4.98
C MET D 113 -16.64 -26.57 -5.40
N TRP D 114 -17.18 -26.98 -6.56
CA TRP D 114 -18.41 -26.41 -7.07
C TRP D 114 -19.57 -26.62 -6.10
N LYS D 115 -19.71 -27.85 -5.58
CA LYS D 115 -20.76 -28.11 -4.61
C LYS D 115 -20.67 -27.13 -3.44
N LEU D 116 -19.47 -26.98 -2.87
CA LEU D 116 -19.35 -26.13 -1.69
C LEU D 116 -19.62 -24.68 -2.06
N ILE D 117 -19.08 -24.22 -3.21
CA ILE D 117 -19.32 -22.83 -3.56
C ILE D 117 -20.82 -22.60 -3.73
N PHE D 118 -21.50 -23.49 -4.47
CA PHE D 118 -22.93 -23.39 -4.68
C PHE D 118 -23.70 -23.33 -3.36
N LEU D 119 -23.46 -24.28 -2.45
CA LEU D 119 -24.22 -24.28 -1.20
C LEU D 119 -23.95 -23.00 -0.41
N SER D 120 -22.69 -22.59 -0.31
CA SER D 120 -22.39 -21.44 0.53
C SER D 120 -23.05 -20.19 -0.02
N VAL D 121 -23.00 -20.00 -1.36
CA VAL D 121 -23.64 -18.84 -1.99
C VAL D 121 -25.14 -18.85 -1.78
N VAL D 122 -25.80 -19.99 -2.03
CA VAL D 122 -27.21 -20.08 -1.76
C VAL D 122 -27.46 -19.69 -0.31
N MET D 123 -26.74 -20.30 0.64
CA MET D 123 -26.95 -19.96 2.05
C MET D 123 -26.90 -18.44 2.26
N LEU D 124 -25.86 -17.74 1.75
CA LEU D 124 -25.74 -16.33 2.10
C LEU D 124 -26.77 -15.46 1.38
N VAL D 125 -27.05 -15.75 0.09
CA VAL D 125 -28.03 -14.97 -0.65
C VAL D 125 -29.44 -15.17 -0.11
N THR D 126 -29.88 -16.41 0.12
CA THR D 126 -31.18 -16.57 0.75
C THR D 126 -31.24 -15.87 2.10
N GLY D 127 -30.16 -15.92 2.89
CA GLY D 127 -30.14 -15.18 4.15
C GLY D 127 -30.34 -13.69 3.96
N TYR D 128 -29.68 -13.10 2.92
CA TYR D 128 -29.85 -11.69 2.64
C TYR D 128 -31.27 -11.34 2.19
N PHE D 129 -31.89 -12.18 1.35
CA PHE D 129 -33.29 -11.97 0.96
C PHE D 129 -34.20 -11.99 2.20
N GLY D 130 -34.01 -12.92 3.12
CA GLY D 130 -34.78 -12.91 4.36
C GLY D 130 -34.56 -11.64 5.17
N GLU D 131 -33.35 -11.07 5.17
CA GLU D 131 -33.01 -9.97 6.05
C GLU D 131 -33.33 -8.59 5.47
N ALA D 132 -33.34 -8.45 4.14
CA ALA D 132 -33.26 -7.13 3.51
C ALA D 132 -34.30 -6.92 2.40
N VAL D 133 -34.63 -7.97 1.63
CA VAL D 133 -35.49 -7.85 0.46
C VAL D 133 -36.92 -8.24 0.82
N ASP D 134 -37.11 -9.25 1.67
CA ASP D 134 -38.42 -9.86 1.84
C ASP D 134 -38.61 -10.36 3.27
N ARG D 135 -38.72 -9.43 4.22
CA ARG D 135 -38.72 -9.79 5.63
C ARG D 135 -40.07 -10.39 6.03
N GLY D 136 -41.10 -10.20 5.20
CA GLY D 136 -42.37 -10.87 5.41
C GLY D 136 -42.19 -12.39 5.48
N ASN D 137 -41.33 -12.91 4.59
CA ASN D 137 -41.13 -14.34 4.43
C ASN D 137 -39.76 -14.75 4.98
N ALA D 138 -39.33 -14.10 6.06
CA ALA D 138 -38.00 -14.31 6.61
C ALA D 138 -37.82 -15.76 7.10
N TRP D 139 -38.89 -16.37 7.61
CA TRP D 139 -38.84 -17.74 8.07
C TRP D 139 -38.61 -18.70 6.89
N LEU D 140 -39.22 -18.40 5.74
CA LEU D 140 -39.08 -19.26 4.58
C LEU D 140 -37.65 -19.13 4.04
N TRP D 141 -37.18 -17.89 3.86
CA TRP D 141 -35.81 -17.68 3.44
C TRP D 141 -34.85 -18.29 4.46
N GLY D 142 -35.16 -18.13 5.75
CA GLY D 142 -34.39 -18.78 6.80
C GLY D 142 -34.24 -20.28 6.53
N LEU D 143 -35.37 -20.91 6.22
CA LEU D 143 -35.44 -22.34 6.04
C LEU D 143 -34.56 -22.76 4.86
N PHE D 144 -34.68 -22.07 3.71
CA PHE D 144 -33.78 -22.36 2.60
C PHE D 144 -32.32 -22.19 3.03
N SER D 145 -31.97 -21.10 3.73
CA SER D 145 -30.59 -20.93 4.18
C SER D 145 -30.22 -22.10 5.11
N GLY D 146 -31.11 -22.41 6.06
CA GLY D 146 -30.88 -23.47 7.04
C GLY D 146 -30.56 -24.79 6.36
N VAL D 147 -31.27 -25.10 5.27
CA VAL D 147 -31.06 -26.36 4.61
C VAL D 147 -29.70 -26.35 3.93
N ALA D 148 -29.33 -25.23 3.28
CA ALA D 148 -27.98 -25.14 2.71
C ALA D 148 -26.92 -25.34 3.80
N TYR D 149 -27.09 -24.66 4.94
CA TYR D 149 -26.14 -24.90 6.00
C TYR D 149 -26.05 -26.40 6.34
N PHE D 150 -27.20 -27.05 6.54
CA PHE D 150 -27.21 -28.44 6.98
C PHE D 150 -26.48 -29.33 5.97
N TRP D 151 -26.69 -29.08 4.69
CA TRP D 151 -25.99 -29.84 3.67
C TRP D 151 -24.49 -29.64 3.78
N ILE D 152 -24.03 -28.42 4.02
CA ILE D 152 -22.60 -28.22 4.15
C ILE D 152 -22.11 -29.01 5.35
N VAL D 153 -22.75 -28.81 6.50
CA VAL D 153 -22.34 -29.57 7.67
C VAL D 153 -22.31 -31.08 7.37
N ILE D 154 -23.35 -31.63 6.74
CA ILE D 154 -23.35 -33.07 6.51
C ILE D 154 -22.21 -33.46 5.58
N GLU D 155 -21.94 -32.65 4.55
CA GLU D 155 -20.89 -33.00 3.62
C GLU D 155 -19.55 -33.16 4.33
N ILE D 156 -19.18 -32.20 5.19
CA ILE D 156 -17.84 -32.21 5.77
C ILE D 156 -17.75 -33.14 6.96
N TRP D 157 -18.80 -33.33 7.74
CA TRP D 157 -18.75 -34.28 8.86
C TRP D 157 -18.89 -35.74 8.42
N PHE D 158 -19.66 -36.05 7.38
CA PHE D 158 -19.98 -37.43 7.04
C PHE D 158 -19.79 -37.77 5.57
N GLY D 159 -19.84 -36.75 4.71
CA GLY D 159 -19.90 -36.98 3.28
C GLY D 159 -18.53 -37.31 2.69
N LYS D 160 -18.39 -37.02 1.39
CA LYS D 160 -17.18 -37.34 0.64
C LYS D 160 -15.99 -36.63 1.24
N ALA D 161 -16.15 -35.35 1.60
CA ALA D 161 -15.02 -34.58 2.11
C ALA D 161 -14.46 -35.26 3.34
N LYS D 162 -15.34 -35.81 4.20
CA LYS D 162 -14.88 -36.48 5.40
C LYS D 162 -14.12 -37.74 5.01
N LYS D 163 -14.62 -38.49 4.03
CA LYS D 163 -13.98 -39.72 3.62
C LYS D 163 -12.58 -39.41 3.07
N LEU D 164 -12.44 -38.36 2.24
CA LEU D 164 -11.14 -37.98 1.73
C LEU D 164 -10.18 -37.66 2.88
N ALA D 165 -10.63 -36.85 3.84
CA ALA D 165 -9.78 -36.49 4.96
C ALA D 165 -9.32 -37.77 5.68
N VAL D 166 -10.26 -38.70 5.89
CA VAL D 166 -9.97 -39.86 6.72
C VAL D 166 -8.92 -40.73 6.01
N ALA D 167 -9.04 -40.82 4.68
CA ALA D 167 -8.11 -41.62 3.89
C ALA D 167 -6.70 -41.04 3.98
N ALA D 168 -6.58 -39.71 3.81
CA ALA D 168 -5.30 -39.03 3.90
C ALA D 168 -4.65 -39.30 5.25
N GLY D 169 -5.44 -39.18 6.32
CA GLY D 169 -4.95 -39.26 7.68
C GLY D 169 -3.95 -38.15 8.00
N GLY D 170 -3.38 -38.22 9.21
CA GLY D 170 -2.28 -37.35 9.55
C GLY D 170 -2.73 -35.92 9.84
N ASP D 171 -1.85 -34.99 9.44
CA ASP D 171 -2.04 -33.58 9.70
C ASP D 171 -3.34 -33.09 9.03
N VAL D 172 -3.59 -33.54 7.80
CA VAL D 172 -4.78 -33.19 7.05
C VAL D 172 -6.03 -33.56 7.82
N LEU D 173 -6.14 -34.81 8.28
CA LEU D 173 -7.33 -35.22 8.99
C LEU D 173 -7.51 -34.29 10.20
N ALA D 174 -6.41 -34.06 10.92
CA ALA D 174 -6.45 -33.20 12.08
C ALA D 174 -6.99 -31.80 11.73
N ALA D 175 -6.40 -31.16 10.71
CA ALA D 175 -6.90 -29.86 10.25
C ALA D 175 -8.37 -29.93 9.87
N HIS D 176 -8.76 -30.95 9.07
CA HIS D 176 -10.15 -31.13 8.69
C HIS D 176 -11.07 -31.14 9.91
N LYS D 177 -10.74 -31.93 10.92
CA LYS D 177 -11.63 -32.04 12.06
C LYS D 177 -11.76 -30.70 12.79
N THR D 178 -10.63 -29.96 12.93
CA THR D 178 -10.75 -28.70 13.61
C THR D 178 -11.65 -27.73 12.85
N LEU D 179 -11.40 -27.58 11.52
CA LEU D 179 -12.30 -26.81 10.67
C LEU D 179 -13.76 -27.28 10.82
N CYS D 180 -14.02 -28.58 10.92
CA CYS D 180 -15.42 -28.99 11.11
C CYS D 180 -16.01 -28.47 12.42
N TRP D 181 -15.22 -28.40 13.51
CA TRP D 181 -15.75 -27.78 14.72
C TRP D 181 -16.04 -26.29 14.53
N PHE D 182 -15.12 -25.53 13.91
CA PHE D 182 -15.40 -24.13 13.62
C PHE D 182 -16.71 -23.95 12.85
N VAL D 183 -16.91 -24.77 11.80
CA VAL D 183 -18.17 -24.66 11.06
C VAL D 183 -19.34 -25.03 11.96
N LEU D 184 -19.27 -26.12 12.72
CA LEU D 184 -20.43 -26.52 13.52
C LEU D 184 -20.72 -25.52 14.64
N VAL D 185 -19.70 -25.15 15.42
CA VAL D 185 -19.96 -24.40 16.63
C VAL D 185 -19.69 -22.92 16.37
N GLY D 186 -18.57 -22.59 15.73
CA GLY D 186 -18.26 -21.18 15.53
C GLY D 186 -19.29 -20.50 14.63
N TRP D 187 -19.78 -21.16 13.59
CA TRP D 187 -20.76 -20.51 12.70
C TRP D 187 -22.16 -20.45 13.27
N ALA D 188 -22.47 -21.18 14.35
CA ALA D 188 -23.84 -21.22 14.89
C ALA D 188 -24.34 -19.84 15.35
N ILE D 189 -23.44 -18.91 15.70
CA ILE D 189 -23.88 -17.59 16.14
C ILE D 189 -24.69 -16.89 15.06
N TYR D 190 -24.38 -17.12 13.77
CA TYR D 190 -25.06 -16.35 12.72
C TYR D 190 -26.54 -16.75 12.58
N PRO D 191 -26.90 -18.02 12.34
CA PRO D 191 -28.30 -18.43 12.40
C PRO D 191 -29.00 -18.00 13.67
N ILE D 192 -28.32 -18.03 14.83
CA ILE D 192 -28.98 -17.59 16.06
C ILE D 192 -29.31 -16.11 16.02
N GLY D 193 -28.35 -15.27 15.61
CA GLY D 193 -28.64 -13.85 15.53
C GLY D 193 -29.77 -13.55 14.52
N TYR D 194 -29.84 -14.33 13.44
CA TYR D 194 -30.90 -14.16 12.45
C TYR D 194 -32.25 -14.36 13.11
N MET D 195 -32.38 -15.43 13.89
CA MET D 195 -33.64 -15.75 14.56
C MET D 195 -33.95 -14.71 15.63
N ALA D 196 -32.91 -14.12 16.23
CA ALA D 196 -33.10 -13.12 17.25
C ALA D 196 -33.60 -11.81 16.68
N GLY D 197 -33.23 -11.53 15.42
CA GLY D 197 -33.44 -10.21 14.84
C GLY D 197 -34.63 -10.12 13.89
N THR D 198 -35.10 -11.27 13.39
CA THR D 198 -36.14 -11.27 12.38
C THR D 198 -37.47 -11.71 13.01
N PRO D 199 -38.62 -11.28 12.45
CA PRO D 199 -39.92 -11.79 12.85
C PRO D 199 -40.23 -13.16 12.25
N GLY D 200 -40.74 -14.07 13.09
CA GLY D 200 -41.11 -15.40 12.60
C GLY D 200 -41.84 -16.20 13.66
N TRP D 201 -41.54 -17.50 13.75
CA TRP D 201 -42.09 -18.38 14.76
C TRP D 201 -41.14 -18.48 15.96
N TYR D 202 -39.99 -17.76 15.88
CA TYR D 202 -38.90 -17.94 16.82
C TYR D 202 -38.75 -16.71 17.71
N ASP D 203 -38.94 -16.96 19.01
CA ASP D 203 -38.72 -16.00 20.07
C ASP D 203 -37.37 -16.42 20.64
N SER D 204 -36.34 -16.30 19.80
CA SER D 204 -34.97 -16.49 20.24
C SER D 204 -34.56 -15.24 21.04
N ILE D 205 -34.71 -15.37 22.37
CA ILE D 205 -34.46 -14.29 23.31
C ILE D 205 -33.16 -14.62 24.03
N PHE D 206 -32.05 -14.17 23.44
CA PHE D 206 -30.73 -14.26 24.02
C PHE D 206 -30.33 -12.88 24.55
N GLY D 207 -30.95 -12.49 25.66
CA GLY D 207 -30.79 -11.16 26.24
C GLY D 207 -29.57 -11.04 27.16
N GLY D 208 -29.23 -9.78 27.46
CA GLY D 208 -28.12 -9.45 28.34
C GLY D 208 -26.85 -9.11 27.57
N TRP D 209 -26.65 -9.78 26.43
CA TRP D 209 -25.53 -9.53 25.54
C TRP D 209 -26.00 -8.83 24.28
N ASP D 210 -25.18 -7.86 23.79
CA ASP D 210 -25.40 -7.19 22.53
C ASP D 210 -24.82 -8.01 21.37
N LEU D 211 -25.74 -8.50 20.53
CA LEU D 211 -25.37 -9.27 19.36
C LEU D 211 -24.21 -8.59 18.60
N ASN D 212 -24.18 -7.26 18.58
CA ASN D 212 -23.06 -6.56 17.97
C ASN D 212 -21.71 -6.96 18.55
N VAL D 213 -21.60 -7.03 19.88
CA VAL D 213 -20.34 -7.47 20.50
C VAL D 213 -20.04 -8.91 20.08
N ILE D 214 -21.05 -9.79 20.08
CA ILE D 214 -20.89 -11.18 19.68
C ILE D 214 -20.44 -11.25 18.20
N TYR D 215 -21.13 -10.53 17.32
CA TYR D 215 -20.70 -10.48 15.93
C TYR D 215 -19.25 -10.02 15.82
N ASN D 216 -18.87 -8.92 16.51
CA ASN D 216 -17.53 -8.38 16.30
C ASN D 216 -16.46 -9.35 16.80
N ILE D 217 -16.69 -10.01 17.93
CA ILE D 217 -15.69 -10.92 18.46
C ILE D 217 -15.71 -12.23 17.67
N GLY D 218 -16.90 -12.79 17.45
CA GLY D 218 -17.07 -13.99 16.64
C GLY D 218 -16.47 -13.87 15.24
N ASP D 219 -16.69 -12.76 14.51
CA ASP D 219 -16.07 -12.65 13.17
C ASP D 219 -14.56 -12.84 13.28
N ALA D 220 -13.91 -12.10 14.19
CA ALA D 220 -12.47 -12.18 14.29
C ALA D 220 -12.02 -13.60 14.64
N ILE D 221 -12.68 -14.23 15.60
CA ILE D 221 -12.26 -15.56 15.98
C ILE D 221 -12.51 -16.53 14.82
N ASN D 222 -13.70 -16.47 14.21
CA ASN D 222 -14.03 -17.36 13.11
C ASN D 222 -13.01 -17.19 11.98
N LYS D 223 -12.76 -15.97 11.51
CA LYS D 223 -11.89 -15.79 10.34
C LYS D 223 -10.42 -16.01 10.65
N ILE D 224 -9.91 -15.47 11.75
CA ILE D 224 -8.48 -15.67 12.04
C ILE D 224 -8.23 -17.11 12.47
N GLY D 225 -9.18 -17.72 13.20
CA GLY D 225 -9.07 -19.12 13.60
C GLY D 225 -8.97 -20.07 12.41
N PHE D 226 -9.87 -19.91 11.43
CA PHE D 226 -9.80 -20.73 10.23
C PHE D 226 -8.41 -20.66 9.61
N GLY D 227 -7.93 -19.42 9.43
CA GLY D 227 -6.65 -19.26 8.78
C GLY D 227 -5.49 -19.84 9.54
N LEU D 228 -5.49 -19.66 10.89
CA LEU D 228 -4.44 -20.25 11.72
C LEU D 228 -4.42 -21.76 11.69
N VAL D 229 -5.59 -22.40 11.47
CA VAL D 229 -5.60 -23.84 11.35
C VAL D 229 -4.99 -24.26 10.02
N ILE D 230 -5.29 -23.53 8.96
CA ILE D 230 -4.71 -23.83 7.66
C ILE D 230 -3.21 -23.54 7.69
N TYR D 231 -2.82 -22.39 8.25
CA TYR D 231 -1.41 -22.13 8.37
C TYR D 231 -0.68 -23.20 9.18
N ASN D 232 -1.26 -23.63 10.31
CA ASN D 232 -0.72 -24.71 11.08
C ASN D 232 -0.52 -26.01 10.27
N LEU D 233 -1.40 -26.30 9.33
CA LEU D 233 -1.26 -27.51 8.50
C LEU D 233 -0.06 -27.38 7.58
N ALA D 234 0.11 -26.24 6.93
CA ALA D 234 1.30 -26.02 6.13
C ALA D 234 2.59 -26.18 6.93
N VAL D 235 2.60 -25.66 8.15
CA VAL D 235 3.79 -25.73 9.01
C VAL D 235 4.08 -27.18 9.40
N GLN D 236 3.09 -27.88 9.90
CA GLN D 236 3.26 -29.28 10.26
C GLN D 236 3.80 -30.09 9.08
N ALA D 237 3.26 -29.87 7.89
CA ALA D 237 3.61 -30.71 6.75
C ALA D 237 5.03 -30.41 6.30
N THR D 238 5.37 -29.13 6.29
CA THR D 238 6.67 -28.65 5.85
C THR D 238 7.78 -29.21 6.75
N ASN D 239 7.52 -29.32 8.05
CA ASN D 239 8.54 -29.70 9.01
C ASN D 239 8.56 -31.22 9.15
N LYS D 240 8.12 -31.91 8.09
CA LYS D 240 8.12 -33.36 8.03
C LYS D 240 8.65 -33.82 6.65
N VAL E 11 -7.20 22.72 14.92
CA VAL E 11 -6.08 21.89 14.37
C VAL E 11 -4.87 22.75 14.03
N ARG E 12 -4.77 24.01 14.49
CA ARG E 12 -3.50 24.72 14.47
C ARG E 12 -2.56 24.12 15.51
N LEU E 13 -1.29 23.97 15.16
CA LEU E 13 -0.32 23.29 16.01
C LEU E 13 0.26 24.32 17.00
N ALA E 14 0.53 23.88 18.23
CA ALA E 14 1.19 24.73 19.21
C ALA E 14 2.53 24.13 19.62
N ALA E 15 3.53 25.02 19.74
CA ALA E 15 4.88 24.64 20.11
C ALA E 15 4.95 24.01 21.50
N ASP E 16 4.06 24.40 22.41
CA ASP E 16 4.08 23.88 23.78
C ASP E 16 3.27 22.59 23.91
N ASP E 17 2.64 22.10 22.83
CA ASP E 17 1.89 20.85 22.94
C ASP E 17 2.83 19.65 22.77
N TYR E 18 3.47 19.26 23.87
CA TYR E 18 4.41 18.16 23.86
C TYR E 18 3.70 16.82 23.71
N VAL E 19 2.45 16.71 24.15
CA VAL E 19 1.72 15.49 23.92
C VAL E 19 1.52 15.35 22.42
N GLY E 20 1.13 16.46 21.79
CA GLY E 20 0.90 16.46 20.36
C GLY E 20 2.14 16.00 19.62
N PHE E 21 3.29 16.55 20.02
CA PHE E 21 4.53 16.27 19.32
C PHE E 21 4.86 14.78 19.38
N THR E 22 4.68 14.18 20.57
CA THR E 22 5.05 12.79 20.79
C THR E 22 4.05 11.86 20.12
N PHE E 23 2.82 12.29 19.86
CA PHE E 23 1.95 11.47 19.03
C PHE E 23 2.46 11.42 17.59
N PHE E 24 2.92 12.56 17.04
CA PHE E 24 3.42 12.60 15.67
C PHE E 24 4.70 11.79 15.52
N VAL E 25 5.59 11.87 16.50
CA VAL E 25 6.85 11.16 16.40
C VAL E 25 6.61 9.66 16.52
N GLY E 26 5.79 9.27 17.50
CA GLY E 26 5.49 7.87 17.73
C GLY E 26 4.82 7.22 16.52
N CYS E 27 3.86 7.89 15.95
CA CYS E 27 3.28 7.38 14.72
C CYS E 27 4.34 7.14 13.65
N MET E 28 5.25 8.12 13.39
CA MET E 28 6.23 7.99 12.32
C MET E 28 7.27 6.91 12.63
N ALA E 29 7.72 6.83 13.88
CA ALA E 29 8.69 5.82 14.24
C ALA E 29 8.10 4.40 14.10
N MET E 30 6.84 4.19 14.50
CA MET E 30 6.27 2.85 14.36
C MET E 30 6.08 2.52 12.88
N MET E 31 5.62 3.49 12.10
CA MET E 31 5.48 3.26 10.67
C MET E 31 6.80 2.82 10.03
N ALA E 32 7.89 3.49 10.40
CA ALA E 32 9.17 3.19 9.82
C ALA E 32 9.70 1.84 10.29
N ALA E 33 9.57 1.55 11.58
CA ALA E 33 9.92 0.25 12.13
C ALA E 33 9.12 -0.86 11.42
N SER E 34 7.84 -0.67 11.21
CA SER E 34 7.10 -1.72 10.53
C SER E 34 7.72 -1.98 9.15
N ALA E 35 8.07 -0.91 8.40
CA ALA E 35 8.65 -1.09 7.07
C ALA E 35 10.00 -1.79 7.17
N PHE E 36 10.79 -1.45 8.18
CA PHE E 36 12.11 -2.05 8.31
C PHE E 36 12.00 -3.55 8.53
N PHE E 37 11.10 -4.01 9.42
CA PHE E 37 10.99 -5.44 9.71
C PHE E 37 10.35 -6.17 8.53
N PHE E 38 9.23 -5.68 7.98
CA PHE E 38 8.67 -6.35 6.81
C PHE E 38 9.65 -6.45 5.64
N LEU E 39 10.43 -5.39 5.37
CA LEU E 39 11.32 -5.39 4.20
C LEU E 39 12.59 -6.17 4.48
N SER E 40 12.93 -6.46 5.75
CA SER E 40 14.16 -7.17 6.03
C SER E 40 13.95 -8.66 5.98
N MET E 41 12.69 -9.11 6.12
CA MET E 41 12.38 -10.52 6.37
C MET E 41 13.05 -11.42 5.33
N SER E 42 13.05 -11.00 4.05
CA SER E 42 13.53 -11.86 2.97
C SER E 42 15.05 -12.04 2.91
N SER E 43 15.80 -11.30 3.72
CA SER E 43 17.26 -11.40 3.69
C SER E 43 17.75 -12.42 4.72
N PHE E 44 16.84 -13.24 5.24
CA PHE E 44 17.15 -14.20 6.28
C PHE E 44 16.64 -15.57 5.84
N GLU E 45 17.30 -16.61 6.35
CA GLU E 45 16.85 -17.97 6.18
C GLU E 45 15.45 -18.08 6.77
N ARG E 46 14.65 -19.00 6.22
CA ARG E 46 13.27 -19.23 6.61
C ARG E 46 13.12 -19.36 8.12
N LYS E 47 14.08 -19.97 8.81
CA LYS E 47 13.93 -20.24 10.23
C LYS E 47 13.82 -18.98 11.09
N TRP E 48 14.25 -17.82 10.61
CA TRP E 48 14.17 -16.60 11.40
C TRP E 48 12.97 -15.75 11.00
N ARG E 49 12.44 -15.98 9.81
CA ARG E 49 11.52 -15.04 9.22
C ARG E 49 10.28 -14.79 10.09
N THR E 50 9.74 -15.83 10.74
CA THR E 50 8.51 -15.63 11.49
C THR E 50 8.72 -14.67 12.67
N SER E 51 9.79 -14.86 13.44
CA SER E 51 10.07 -13.96 14.55
C SER E 51 10.17 -12.50 14.05
N ILE E 52 10.72 -12.30 12.84
CA ILE E 52 10.84 -10.93 12.36
C ILE E 52 9.47 -10.42 11.90
N LEU E 53 8.73 -11.24 11.14
CA LEU E 53 7.41 -10.86 10.70
C LEU E 53 6.55 -10.39 11.86
N VAL E 54 6.52 -11.18 12.95
CA VAL E 54 5.73 -10.79 14.13
C VAL E 54 6.21 -9.49 14.77
N SER E 55 7.53 -9.24 14.84
CA SER E 55 8.01 -7.93 15.24
C SER E 55 7.41 -6.80 14.38
N GLY E 56 7.33 -7.02 13.08
CA GLY E 56 6.66 -6.04 12.25
C GLY E 56 5.16 -5.92 12.46
N LEU E 57 4.42 -7.05 12.66
CA LEU E 57 3.02 -6.93 13.03
C LEU E 57 2.79 -6.05 14.26
N ILE E 58 3.59 -6.29 15.32
CA ILE E 58 3.52 -5.46 16.51
C ILE E 58 3.64 -3.98 16.17
N THR E 59 4.68 -3.54 15.47
CA THR E 59 4.75 -2.11 15.17
C THR E 59 3.70 -1.69 14.14
N PHE E 60 3.18 -2.59 13.29
CA PHE E 60 2.16 -2.19 12.32
C PHE E 60 0.84 -1.84 13.02
N ILE E 61 0.40 -2.68 13.97
CA ILE E 61 -0.80 -2.40 14.71
C ILE E 61 -0.67 -1.06 15.43
N ALA E 62 0.44 -0.87 16.16
CA ALA E 62 0.72 0.41 16.82
C ALA E 62 0.79 1.60 15.85
N ALA E 63 1.46 1.49 14.72
CA ALA E 63 1.44 2.63 13.78
C ALA E 63 0.03 3.03 13.41
N VAL E 64 -0.83 2.03 13.08
CA VAL E 64 -2.18 2.36 12.66
C VAL E 64 -2.99 2.96 13.81
N HIS E 65 -2.90 2.39 15.01
CA HIS E 65 -3.65 2.98 16.11
C HIS E 65 -3.06 4.34 16.51
N TYR E 66 -1.74 4.53 16.46
CA TYR E 66 -1.18 5.86 16.75
C TYR E 66 -1.66 6.90 15.77
N TRP E 67 -1.89 6.52 14.50
CA TRP E 67 -2.44 7.48 13.56
C TRP E 67 -3.80 8.00 14.00
N TYR E 68 -4.69 7.10 14.42
CA TYR E 68 -5.99 7.49 14.91
C TYR E 68 -5.84 8.32 16.18
N MET E 69 -5.07 7.88 17.15
CA MET E 69 -4.97 8.65 18.38
C MET E 69 -4.38 10.05 18.17
N ARG E 70 -3.40 10.19 17.28
CA ARG E 70 -2.82 11.48 16.93
C ARG E 70 -3.89 12.44 16.40
N ASP E 71 -4.76 11.93 15.52
CA ASP E 71 -5.80 12.80 14.97
C ASP E 71 -6.80 13.15 16.06
N TYR E 72 -7.14 12.18 16.89
CA TYR E 72 -8.11 12.46 17.93
C TYR E 72 -7.59 13.51 18.88
N TRP E 73 -6.31 13.45 19.22
CA TRP E 73 -5.74 14.48 20.08
C TRP E 73 -5.74 15.85 19.42
N SER E 74 -5.42 15.91 18.11
CA SER E 74 -5.54 17.15 17.36
C SER E 74 -6.96 17.74 17.46
N GLY E 75 -8.00 16.91 17.37
CA GLY E 75 -9.36 17.36 17.49
C GLY E 75 -9.74 17.82 18.89
N PHE E 76 -9.65 16.93 19.88
CA PHE E 76 -10.29 17.12 21.17
C PHE E 76 -9.31 17.43 22.31
N ALA E 77 -8.01 17.26 22.09
CA ALA E 77 -7.04 17.43 23.16
C ALA E 77 -7.33 16.51 24.34
N GLU E 78 -7.82 15.30 24.03
CA GLU E 78 -8.00 14.25 25.01
C GLU E 78 -7.41 12.92 24.50
N SER E 79 -6.87 12.14 25.41
CA SER E 79 -6.46 10.80 25.08
C SER E 79 -6.92 9.86 26.20
N PRO E 80 -8.16 9.34 26.12
CA PRO E 80 -8.65 8.41 27.12
C PRO E 80 -7.87 7.10 27.17
N VAL E 81 -7.48 6.71 28.38
CA VAL E 81 -6.53 5.62 28.53
C VAL E 81 -7.15 4.35 27.97
N PHE E 82 -8.48 4.17 28.16
CA PHE E 82 -9.11 2.92 27.73
C PHE E 82 -8.90 2.72 26.23
N PHE E 83 -8.79 3.81 25.47
CA PHE E 83 -8.64 3.68 24.04
C PHE E 83 -7.26 3.14 23.66
N ARG E 84 -6.27 3.26 24.54
CA ARG E 84 -4.98 2.66 24.27
C ARG E 84 -5.06 1.14 24.26
N TYR E 85 -6.04 0.58 24.96
CA TYR E 85 -6.14 -0.87 25.06
C TYR E 85 -6.50 -1.53 23.74
N VAL E 86 -7.04 -0.77 22.78
CA VAL E 86 -7.30 -1.31 21.44
C VAL E 86 -6.03 -1.96 20.89
N ASP E 87 -4.89 -1.30 21.07
CA ASP E 87 -3.64 -1.85 20.57
C ASP E 87 -3.05 -2.85 21.57
N TRP E 88 -2.96 -2.48 22.87
CA TRP E 88 -2.35 -3.38 23.85
C TRP E 88 -2.94 -4.78 23.87
N VAL E 89 -4.27 -4.94 23.72
CA VAL E 89 -4.84 -6.28 23.77
C VAL E 89 -4.32 -7.14 22.62
N LEU E 90 -3.86 -6.56 21.50
CA LEU E 90 -3.32 -7.37 20.43
C LEU E 90 -1.80 -7.46 20.53
N THR E 91 -1.12 -6.34 20.80
CA THR E 91 0.34 -6.35 20.71
C THR E 91 0.98 -7.07 21.90
N VAL E 92 0.44 -6.97 23.11
CA VAL E 92 1.11 -7.61 24.24
C VAL E 92 1.15 -9.14 24.09
N PRO E 93 0.05 -9.83 23.68
CA PRO E 93 0.15 -11.24 23.34
C PRO E 93 1.16 -11.56 22.23
N LEU E 94 1.20 -10.75 21.16
CA LEU E 94 2.20 -10.98 20.12
C LEU E 94 3.60 -10.88 20.71
N MET E 95 3.86 -9.89 21.56
CA MET E 95 5.17 -9.81 22.20
C MET E 95 5.46 -11.08 23.00
N CYS E 96 4.50 -11.58 23.78
CA CYS E 96 4.69 -12.82 24.54
C CYS E 96 4.94 -14.04 23.63
N VAL E 97 4.32 -14.11 22.45
CA VAL E 97 4.58 -15.18 21.49
C VAL E 97 6.04 -15.17 21.02
N GLU E 98 6.66 -13.98 20.95
CA GLU E 98 8.08 -13.94 20.57
C GLU E 98 8.95 -14.77 21.51
N PHE E 99 8.60 -14.94 22.81
CA PHE E 99 9.40 -15.85 23.64
C PHE E 99 9.35 -17.27 23.07
N TYR E 100 8.20 -17.69 22.58
CA TYR E 100 8.11 -19.03 22.02
C TYR E 100 8.94 -19.09 20.73
N LEU E 101 8.79 -18.11 19.85
CA LEU E 101 9.48 -18.14 18.57
C LEU E 101 10.99 -18.18 18.74
N ILE E 102 11.58 -17.39 19.66
CA ILE E 102 13.03 -17.46 19.84
C ILE E 102 13.51 -18.67 20.64
N LEU E 103 12.65 -19.45 21.31
CA LEU E 103 13.11 -20.60 22.08
C LEU E 103 12.69 -21.91 21.43
N LYS E 104 12.04 -21.84 20.27
CA LYS E 104 11.56 -23.03 19.60
C LYS E 104 12.74 -23.95 19.23
N VAL E 105 13.90 -23.36 18.90
CA VAL E 105 15.08 -24.13 18.52
C VAL E 105 15.64 -24.83 19.75
N ALA E 106 15.54 -24.15 20.90
CA ALA E 106 16.06 -24.65 22.14
C ALA E 106 15.13 -25.70 22.76
N GLY E 107 14.02 -26.01 22.08
CA GLY E 107 13.14 -27.11 22.47
C GLY E 107 11.90 -26.68 23.24
N ALA E 108 11.45 -25.42 23.07
CA ALA E 108 10.18 -25.01 23.64
C ALA E 108 9.05 -25.75 22.94
N LYS E 109 7.99 -26.04 23.70
CA LYS E 109 6.83 -26.78 23.22
C LYS E 109 5.61 -25.84 23.21
N LYS E 110 4.61 -26.18 22.40
CA LYS E 110 3.45 -25.33 22.25
C LYS E 110 2.79 -25.00 23.59
N SER E 111 2.94 -25.91 24.56
CA SER E 111 2.46 -25.68 25.91
C SER E 111 2.91 -24.30 26.39
N LEU E 112 4.16 -23.93 26.08
CA LEU E 112 4.71 -22.67 26.54
C LEU E 112 3.96 -21.54 25.83
N MET E 113 3.78 -21.67 24.51
CA MET E 113 3.11 -20.66 23.73
C MET E 113 1.71 -20.38 24.28
N TRP E 114 0.94 -21.46 24.51
CA TRP E 114 -0.42 -21.31 25.04
C TRP E 114 -0.43 -20.67 26.41
N LYS E 115 0.46 -21.12 27.30
CA LYS E 115 0.55 -20.48 28.61
C LYS E 115 0.75 -18.97 28.46
N LEU E 116 1.73 -18.55 27.63
CA LEU E 116 2.03 -17.14 27.54
C LEU E 116 0.86 -16.39 26.91
N ILE E 117 0.25 -16.95 25.87
CA ILE E 117 -0.87 -16.26 25.27
C ILE E 117 -1.98 -16.08 26.30
N PHE E 118 -2.33 -17.17 27.01
CA PHE E 118 -3.36 -17.11 28.04
C PHE E 118 -3.06 -16.03 29.10
N LEU E 119 -1.85 -16.03 29.67
CA LEU E 119 -1.55 -15.05 30.72
C LEU E 119 -1.63 -13.63 30.18
N SER E 120 -1.07 -13.40 28.98
CA SER E 120 -1.04 -12.04 28.46
C SER E 120 -2.47 -11.54 28.22
N VAL E 121 -3.31 -12.40 27.62
CA VAL E 121 -4.70 -12.01 27.35
C VAL E 121 -5.46 -11.74 28.65
N VAL E 122 -5.35 -12.64 29.64
CA VAL E 122 -5.99 -12.36 30.92
C VAL E 122 -5.51 -11.00 31.44
N MET E 123 -4.19 -10.80 31.48
CA MET E 123 -3.68 -9.51 31.97
C MET E 123 -4.38 -8.33 31.28
N LEU E 124 -4.44 -8.33 29.92
CA LEU E 124 -4.94 -7.14 29.26
C LEU E 124 -6.46 -6.99 29.38
N VAL E 125 -7.21 -8.10 29.30
CA VAL E 125 -8.67 -8.01 29.45
C VAL E 125 -9.08 -7.62 30.87
N THR E 126 -8.52 -8.25 31.91
CA THR E 126 -8.82 -7.77 33.25
C THR E 126 -8.45 -6.30 33.42
N GLY E 127 -7.33 -5.87 32.84
CA GLY E 127 -6.97 -4.46 32.91
C GLY E 127 -8.04 -3.57 32.29
N TYR E 128 -8.58 -3.99 31.12
CA TYR E 128 -9.62 -3.21 30.47
C TYR E 128 -10.91 -3.16 31.31
N PHE E 129 -11.33 -4.29 31.89
CA PHE E 129 -12.48 -4.30 32.80
C PHE E 129 -12.28 -3.33 33.94
N GLY E 130 -11.11 -3.31 34.58
CA GLY E 130 -10.83 -2.33 35.62
C GLY E 130 -10.94 -0.89 35.13
N GLU E 131 -10.53 -0.63 33.89
CA GLU E 131 -10.42 0.75 33.39
C GLU E 131 -11.73 1.29 32.79
N ALA E 132 -12.60 0.42 32.27
CA ALA E 132 -13.64 0.85 31.34
C ALA E 132 -15.03 0.28 31.69
N VAL E 133 -15.09 -0.98 32.16
CA VAL E 133 -16.35 -1.67 32.34
C VAL E 133 -16.79 -1.59 33.80
N ASP E 134 -15.85 -1.67 34.75
CA ASP E 134 -16.20 -1.80 36.15
C ASP E 134 -15.19 -1.06 37.03
N ARG E 135 -15.21 0.27 37.00
CA ARG E 135 -14.21 1.06 37.68
C ARG E 135 -14.42 1.07 39.19
N GLY E 136 -15.62 0.69 39.63
CA GLY E 136 -15.88 0.50 41.04
C GLY E 136 -14.88 -0.48 41.66
N ASN E 137 -14.61 -1.56 40.92
CA ASN E 137 -13.78 -2.65 41.41
C ASN E 137 -12.42 -2.66 40.70
N ALA E 138 -11.89 -1.47 40.43
CA ALA E 138 -10.65 -1.32 39.67
C ALA E 138 -9.46 -1.96 40.39
N TRP E 139 -9.47 -1.90 41.73
CA TRP E 139 -8.38 -2.48 42.51
C TRP E 139 -8.40 -4.02 42.39
N LEU E 140 -9.60 -4.60 42.32
CA LEU E 140 -9.73 -6.04 42.23
C LEU E 140 -9.26 -6.50 40.85
N TRP E 141 -9.78 -5.84 39.80
CA TRP E 141 -9.33 -6.15 38.46
C TRP E 141 -7.82 -5.90 38.35
N GLY E 142 -7.35 -4.80 38.96
CA GLY E 142 -5.91 -4.57 39.00
C GLY E 142 -5.15 -5.78 39.53
N LEU E 143 -5.65 -6.32 40.64
CA LEU E 143 -5.00 -7.42 41.32
C LEU E 143 -4.96 -8.66 40.42
N PHE E 144 -6.07 -9.01 39.79
CA PHE E 144 -6.05 -10.08 38.81
C PHE E 144 -5.02 -9.81 37.71
N SER E 145 -5.00 -8.58 37.15
CA SER E 145 -4.02 -8.26 36.12
C SER E 145 -2.61 -8.44 36.69
N GLY E 146 -2.40 -7.87 37.89
CA GLY E 146 -1.09 -7.90 38.53
C GLY E 146 -0.58 -9.33 38.71
N VAL E 147 -1.48 -10.27 39.05
CA VAL E 147 -1.04 -11.64 39.24
C VAL E 147 -0.65 -12.24 37.90
N ALA E 148 -1.43 -11.99 36.84
CA ALA E 148 -1.00 -12.48 35.53
C ALA E 148 0.36 -11.88 35.17
N TYR E 149 0.55 -10.58 35.38
CA TYR E 149 1.87 -10.03 35.09
C TYR E 149 2.95 -10.80 35.86
N PHE E 150 2.75 -11.02 37.17
CA PHE E 150 3.79 -11.63 37.99
C PHE E 150 4.12 -13.02 37.49
N TRP E 151 3.09 -13.77 37.09
CA TRP E 151 3.32 -15.09 36.53
C TRP E 151 4.17 -15.00 35.26
N ILE E 152 3.90 -14.02 34.39
CA ILE E 152 4.71 -13.91 33.17
C ILE E 152 6.15 -13.62 33.59
N VAL E 153 6.34 -12.61 34.41
CA VAL E 153 7.69 -12.32 34.86
C VAL E 153 8.36 -13.55 35.45
N ILE E 154 7.67 -14.31 36.33
CA ILE E 154 8.32 -15.46 36.96
C ILE E 154 8.67 -16.48 35.89
N GLU E 155 7.77 -16.72 34.94
CA GLU E 155 8.03 -17.74 33.92
C GLU E 155 9.33 -17.45 33.19
N ILE E 156 9.52 -16.19 32.73
CA ILE E 156 10.66 -15.90 31.86
C ILE E 156 11.94 -15.69 32.65
N TRP E 157 11.87 -15.14 33.86
CA TRP E 157 13.09 -14.99 34.67
C TRP E 157 13.56 -16.28 35.34
N PHE E 158 12.66 -17.18 35.74
CA PHE E 158 13.05 -18.33 36.56
C PHE E 158 12.47 -19.65 36.05
N GLY E 159 11.36 -19.58 35.30
CA GLY E 159 10.61 -20.77 34.95
C GLY E 159 11.26 -21.57 33.82
N LYS E 160 10.41 -22.32 33.10
CA LYS E 160 10.86 -23.20 32.04
C LYS E 160 11.53 -22.40 30.93
N ALA E 161 10.94 -21.25 30.58
CA ALA E 161 11.49 -20.46 29.48
C ALA E 161 12.94 -20.09 29.80
N LYS E 162 13.21 -19.76 31.06
CA LYS E 162 14.56 -19.38 31.44
C LYS E 162 15.49 -20.58 31.32
N LYS E 163 15.01 -21.76 31.73
CA LYS E 163 15.84 -22.95 31.65
C LYS E 163 16.18 -23.28 30.20
N LEU E 164 15.19 -23.18 29.30
CA LEU E 164 15.46 -23.41 27.88
C LEU E 164 16.51 -22.42 27.36
N ALA E 165 16.35 -21.15 27.66
CA ALA E 165 17.31 -20.16 27.21
C ALA E 165 18.71 -20.52 27.69
N VAL E 166 18.80 -20.91 28.97
CA VAL E 166 20.11 -21.13 29.58
C VAL E 166 20.78 -22.32 28.92
N ALA E 167 19.99 -23.35 28.59
CA ALA E 167 20.51 -24.54 27.95
C ALA E 167 21.07 -24.20 26.57
N ALA E 168 20.32 -23.43 25.77
CA ALA E 168 20.74 -23.02 24.45
C ALA E 168 22.07 -22.27 24.51
N GLY E 169 22.16 -21.35 25.47
CA GLY E 169 23.32 -20.47 25.57
C GLY E 169 23.47 -19.57 24.33
N GLY E 170 24.53 -18.77 24.34
CA GLY E 170 24.92 -18.02 23.16
C GLY E 170 24.02 -16.83 22.90
N ASP E 171 23.78 -16.57 21.63
CA ASP E 171 23.01 -15.42 21.17
C ASP E 171 21.60 -15.46 21.73
N VAL E 172 20.98 -16.65 21.73
CA VAL E 172 19.66 -16.87 22.27
C VAL E 172 19.58 -16.42 23.73
N LEU E 173 20.49 -16.92 24.57
CA LEU E 173 20.41 -16.57 25.98
C LEU E 173 20.52 -15.06 26.08
N ALA E 174 21.47 -14.46 25.33
CA ALA E 174 21.64 -13.03 25.37
C ALA E 174 20.34 -12.29 25.00
N ALA E 175 19.72 -12.66 23.87
CA ALA E 175 18.45 -12.09 23.49
C ALA E 175 17.40 -12.27 24.60
N HIS E 176 17.27 -13.50 25.12
CA HIS E 176 16.33 -13.77 26.20
C HIS E 176 16.50 -12.81 27.37
N LYS E 177 17.75 -12.63 27.82
CA LYS E 177 17.97 -11.77 28.96
C LYS E 177 17.54 -10.34 28.67
N THR E 178 17.88 -9.83 27.48
CA THR E 178 17.49 -8.46 27.18
C THR E 178 15.97 -8.31 27.16
N LEU E 179 15.25 -9.21 26.45
CA LEU E 179 13.80 -9.23 26.51
C LEU E 179 13.30 -9.29 27.95
N CYS E 180 13.93 -10.06 28.83
CA CYS E 180 13.43 -10.07 30.22
C CYS E 180 13.56 -8.71 30.89
N TRP E 181 14.62 -7.93 30.58
CA TRP E 181 14.68 -6.58 31.13
C TRP E 181 13.58 -5.70 30.57
N PHE E 182 13.32 -5.73 29.26
CA PHE E 182 12.20 -4.96 28.72
C PHE E 182 10.90 -5.30 29.42
N VAL E 183 10.60 -6.59 29.61
CA VAL E 183 9.39 -6.95 30.33
C VAL E 183 9.42 -6.42 31.77
N LEU E 184 10.52 -6.61 32.49
CA LEU E 184 10.53 -6.19 33.91
C LEU E 184 10.49 -4.68 34.04
N VAL E 185 11.36 -3.96 33.31
CA VAL E 185 11.50 -2.54 33.55
C VAL E 185 10.67 -1.74 32.54
N GLY E 186 10.76 -2.08 31.27
CA GLY E 186 10.04 -1.32 30.26
C GLY E 186 8.53 -1.41 30.44
N TRP E 187 7.99 -2.59 30.80
CA TRP E 187 6.55 -2.69 30.96
C TRP E 187 6.03 -2.10 32.27
N ALA E 188 6.88 -1.80 33.25
CA ALA E 188 6.41 -1.32 34.55
C ALA E 188 5.64 0.01 34.47
N ILE E 189 5.86 0.81 33.42
CA ILE E 189 5.12 2.08 33.29
C ILE E 189 3.62 1.82 33.23
N TYR E 190 3.18 0.71 32.64
CA TYR E 190 1.74 0.54 32.44
C TYR E 190 0.99 0.29 33.76
N PRO E 191 1.33 -0.72 34.58
CA PRO E 191 0.77 -0.82 35.94
C PRO E 191 0.85 0.46 36.75
N ILE E 192 1.95 1.22 36.62
CA ILE E 192 2.05 2.47 37.37
C ILE E 192 1.00 3.48 36.90
N GLY E 193 0.88 3.66 35.59
CA GLY E 193 -0.13 4.59 35.11
C GLY E 193 -1.54 4.16 35.49
N TYR E 194 -1.79 2.85 35.56
CA TYR E 194 -3.10 2.35 35.98
C TYR E 194 -3.41 2.84 37.38
N MET E 195 -2.43 2.70 38.29
CA MET E 195 -2.62 3.13 39.67
C MET E 195 -2.75 4.65 39.75
N ALA E 196 -2.10 5.36 38.83
CA ALA E 196 -2.18 6.82 38.84
C ALA E 196 -3.55 7.30 38.35
N GLY E 197 -4.21 6.51 37.50
CA GLY E 197 -5.37 7.00 36.76
C GLY E 197 -6.69 6.46 37.28
N THR E 198 -6.66 5.40 38.10
CA THR E 198 -7.89 4.80 38.57
C THR E 198 -8.12 5.18 40.03
N PRO E 199 -9.39 5.19 40.50
CA PRO E 199 -9.69 5.31 41.91
C PRO E 199 -9.49 4.00 42.67
N GLY E 200 -8.84 4.09 43.83
CA GLY E 200 -8.58 2.93 44.65
C GLY E 200 -7.98 3.34 45.99
N TRP E 201 -7.02 2.54 46.47
CA TRP E 201 -6.29 2.82 47.69
C TRP E 201 -4.96 3.50 47.36
N TYR E 202 -4.72 3.76 46.07
CA TYR E 202 -3.43 4.24 45.58
C TYR E 202 -3.56 5.65 45.02
N ASP E 203 -4.63 6.36 45.36
CA ASP E 203 -4.72 7.80 45.10
C ASP E 203 -3.80 8.59 46.03
N SER E 204 -3.48 8.03 47.20
CA SER E 204 -2.63 8.67 48.19
C SER E 204 -1.23 8.87 47.62
N ILE E 205 -0.74 7.87 46.86
CA ILE E 205 0.66 7.81 46.46
C ILE E 205 0.80 8.38 45.06
N PHE E 206 0.02 7.81 44.13
CA PHE E 206 0.06 8.14 42.72
C PHE E 206 -1.28 8.84 42.45
N GLY E 207 -1.47 9.31 41.23
CA GLY E 207 -2.75 9.88 40.85
C GLY E 207 -2.65 11.40 40.73
N GLY E 208 -3.14 11.92 39.60
CA GLY E 208 -2.91 13.29 39.18
C GLY E 208 -1.63 13.46 38.36
N TRP E 209 -1.17 12.37 37.71
CA TRP E 209 0.08 12.38 36.96
C TRP E 209 -0.25 12.31 35.46
N ASP E 210 0.38 13.16 34.63
CA ASP E 210 0.15 13.13 33.19
C ASP E 210 1.14 12.19 32.52
N LEU E 211 0.61 11.06 32.05
CA LEU E 211 1.35 9.97 31.52
C LEU E 211 1.36 9.99 30.01
N ASN E 212 0.62 10.88 29.34
CA ASN E 212 0.54 10.81 27.88
C ASN E 212 1.90 10.86 27.21
N VAL E 213 2.79 11.77 27.62
CA VAL E 213 4.13 11.82 27.05
C VAL E 213 4.87 10.50 27.34
N ILE E 214 4.74 9.99 28.56
CA ILE E 214 5.38 8.75 28.97
C ILE E 214 4.83 7.56 28.17
N TYR E 215 3.50 7.48 28.04
CA TYR E 215 2.93 6.44 27.21
C TYR E 215 3.45 6.56 25.77
N ASN E 216 3.48 7.77 25.19
CA ASN E 216 3.83 7.86 23.78
C ASN E 216 5.29 7.47 23.55
N ILE E 217 6.20 7.88 24.44
CA ILE E 217 7.60 7.55 24.25
C ILE E 217 7.86 6.09 24.65
N GLY E 218 7.32 5.66 25.80
CA GLY E 218 7.37 4.28 26.23
C GLY E 218 6.87 3.27 25.19
N ASP E 219 5.73 3.52 24.55
CA ASP E 219 5.26 2.60 23.54
C ASP E 219 6.30 2.38 22.46
N ALA E 220 6.83 3.47 21.91
CA ALA E 220 7.77 3.37 20.83
C ALA E 220 9.03 2.61 21.28
N ILE E 221 9.54 2.96 22.46
CA ILE E 221 10.75 2.28 22.90
C ILE E 221 10.46 0.81 23.18
N ASN E 222 9.36 0.52 23.88
CA ASN E 222 8.98 -0.85 24.16
C ASN E 222 8.84 -1.67 22.88
N LYS E 223 8.04 -1.20 21.92
CA LYS E 223 7.79 -2.01 20.73
C LYS E 223 8.97 -2.07 19.76
N ILE E 224 9.64 -0.93 19.48
CA ILE E 224 10.76 -0.97 18.56
C ILE E 224 11.94 -1.69 19.20
N GLY E 225 12.13 -1.50 20.51
CA GLY E 225 13.22 -2.16 21.23
C GLY E 225 13.10 -3.66 21.20
N PHE E 226 11.91 -4.19 21.49
CA PHE E 226 11.70 -5.63 21.43
C PHE E 226 12.08 -6.16 20.04
N GLY E 227 11.60 -5.50 18.99
CA GLY E 227 11.87 -6.00 17.66
C GLY E 227 13.34 -5.90 17.27
N LEU E 228 14.03 -4.80 17.66
CA LEU E 228 15.45 -4.70 17.40
C LEU E 228 16.28 -5.76 18.11
N VAL E 229 15.81 -6.25 19.27
CA VAL E 229 16.54 -7.33 19.93
C VAL E 229 16.34 -8.62 19.17
N ILE E 230 15.13 -8.84 18.67
CA ILE E 230 14.90 -10.06 17.89
C ILE E 230 15.64 -9.96 16.56
N TYR E 231 15.57 -8.83 15.90
CA TYR E 231 16.35 -8.67 14.67
C TYR E 231 17.84 -8.87 14.90
N ASN E 232 18.38 -8.31 15.97
CA ASN E 232 19.77 -8.53 16.32
C ASN E 232 20.13 -10.00 16.53
N LEU E 233 19.21 -10.81 17.05
CA LEU E 233 19.47 -12.23 17.23
C LEU E 233 19.59 -12.91 15.88
N ALA E 234 18.66 -12.67 14.96
CA ALA E 234 18.75 -13.24 13.63
C ALA E 234 20.07 -12.88 12.95
N VAL E 235 20.52 -11.62 13.09
CA VAL E 235 21.73 -11.15 12.46
C VAL E 235 22.95 -11.85 13.06
N GLN E 236 23.06 -11.87 14.39
CA GLN E 236 24.16 -12.55 15.04
C GLN E 236 24.25 -14.00 14.58
N ALA E 237 23.11 -14.69 14.51
CA ALA E 237 23.12 -16.12 14.22
C ALA E 237 23.55 -16.36 12.78
N THR E 238 23.02 -15.54 11.89
CA THR E 238 23.26 -15.66 10.46
C THR E 238 24.73 -15.46 10.15
N ASN E 239 25.39 -14.54 10.86
CA ASN E 239 26.75 -14.14 10.52
C ASN E 239 27.73 -15.05 11.26
N LYS E 240 27.26 -16.25 11.59
CA LYS E 240 28.06 -17.32 12.17
C LYS E 240 27.76 -18.64 11.44
#